data_8JRU
#
_entry.id   8JRU
#
_cell.length_a   1.00
_cell.length_b   1.00
_cell.length_c   1.00
_cell.angle_alpha   90.00
_cell.angle_beta   90.00
_cell.angle_gamma   90.00
#
_symmetry.space_group_name_H-M   'P 1'
#
loop_
_entity.id
_entity.type
_entity.pdbx_description
1 polymer 'HA signal peptide,HPC4 purification tag,Glucagon receptor,C-terminal tail of Vasopressin V2 receptor'
2 polymer 'Beta-arrestin 1 and single-chain fragment variable 30 (scFv30)'
3 polymer 'Nanobody 32'
4 non-polymer '[(2R)-2-octanoyloxy-3-[oxidanyl-[(1R,2R,3S,4R,5R,6S)-2,3,6-tris(oxidanyl)-4,5-diphosphonooxy-cyclohexyl]oxy-phosphoryl]oxy-propyl] octanoate'
#
loop_
_entity_poly.entity_id
_entity_poly.type
_entity_poly.pdbx_seq_one_letter_code
_entity_poly.pdbx_strand_id
1 'polypeptide(L)'
;GSMKTIIALSYIFCLVFAGAPEDQVDPRLIDGKGSGSAGSAGSQVMDFLFEKWKLYGDQCHHNLSLLPPPTELVCNRTFD
KYSCWPDTPANTTANISCPWYLPWHHKVQHRFVFKRCGPDGQWVRGPRGQPWRDASQCQMDGEEIEVQKEVAKMYSSFQV
MYTVGYSLSLGALLLALAILGGLSKLHCTRNAIHANLFASFVLKASSVLVIDGLLRTRYSQKIGDDLSVSTWLSDGAVAG
CRVAAVFMQYGIVANYCWLLVEGLYLHNLLGLATLPERSFFSLYLGIGWGAPMLFVVPWAVVKCLFENVQCWTSNDNMGF
WWILRFPVFLAILINFFIFVRIVQLLVAKLRARQMHHTDYKFRLAKSTLTLIPLLGVHEVVFAFVTDEHAQGTLRSAKLF
FDLFLSSFQGLLVAVLYCFLNKEVQSELRRRWHRWRLGKVLWEERNTSNARGRTPPSLGPQDE(SEP)CT(TPO)A
(SEP)(SEP)(SEP)LAKDTSS
;
R
2 'polypeptide(L)'
;MGDKGTRVFKKASPNGKLTVYLGKRDFVDHIDLVEPVDGVVLVDPEYLKERRVYVTLTAAFRYGREDLDVLGLTFRKDLF
VANVQSFPPAPEDKKPLTRLQERLIKKLGEHAYPFTFEIPPNLPSSVTLQPGPEDTGKAIGVDYEVKAFVAENLEEKIHK
RNSVRLVIEKVQYAPERPGPQPTAETTRQFLMSDKPLHLEASLDKEIYYHGEPISVNVHVTNNTNKTVKKIKISVRQYAD
IVLFNTAQYKVPVAMEEADDTVAPSSTFSKVYTLTPFLANNREKRGLALDGKLKHEDTNLASSTLLREGANREILGIIVS
YKVKVKLVVSRGGLLGDLASSDVAVELPFTLMHPKPKEEPPHREVPEHETPVDTNLSDIQMTQSPSSLSASVGDRVTITC
RASQSVSSAVAWYQQKPGKAPKLLIYSASSLYSGVPSRFSGSRSGTDFTLTISSLQPEDFATYYCQQYKYVPVTFGQGTK
VEIKGTTAASGSSGGSSSGAEVQLVESGGGLVQPGGSLRLSCAASGFNVYSSSIHWVRQAPGKGLEWVASISSYYGYTYY
ADSVKGRFTISADTSKNTAYLQMNSLRAEDTAVYYCARSRQFWYSGLDYWGQGTLVTVSSAHHHHHH
;
A,H,L
3 'polypeptide(L)'
;MAQVQLQESGGGLVQAGGSLRLSCVVSGFFFDTVTMAWYRRAPGKHRELVASATAGGTTTYADSVKDRFTISRDNAKNTV
YLQMNSLKPEDTAVYYCNTFVRSLSWGQGTQVTVSSHHHHHHEPEA
;
B
#
loop_
_chem_comp.id
_chem_comp.type
_chem_comp.name
_chem_comp.formula
PIO non-polymer '[(2R)-2-octanoyloxy-3-[oxidanyl-[(1R,2R,3S,4R,5R,6S)-2,3,6-tris(oxidanyl)-4,5-diphosphonooxy-cyclohexyl]oxy-phosphoryl]oxy-propyl] octanoate' 'C25 H49 O19 P3'
#
# COMPACT_ATOMS: atom_id res chain seq x y z
N SER A 156 -1.73 -65.31 -2.94
CA SER A 156 -2.64 -65.13 -1.81
C SER A 156 -2.29 -63.85 -1.03
N SER A 157 -2.91 -63.70 0.15
CA SER A 157 -2.69 -62.52 0.98
C SER A 157 -1.29 -62.48 1.58
N PHE A 158 -0.53 -63.57 1.51
CA PHE A 158 0.81 -63.59 2.08
C PHE A 158 1.78 -62.68 1.33
N GLN A 159 1.48 -62.32 0.09
CA GLN A 159 2.38 -61.51 -0.73
C GLN A 159 1.77 -60.17 -1.10
N VAL A 160 0.55 -60.13 -1.63
CA VAL A 160 -0.04 -58.87 -2.06
C VAL A 160 -0.27 -57.94 -0.88
N MET A 161 -0.75 -58.48 0.24
CA MET A 161 -0.97 -57.65 1.43
C MET A 161 0.36 -57.26 2.07
N TYR A 162 1.36 -58.15 2.01
CA TYR A 162 2.66 -57.85 2.61
C TYR A 162 3.31 -56.65 1.95
N THR A 163 3.29 -56.59 0.62
CA THR A 163 3.87 -55.45 -0.09
C THR A 163 2.98 -54.21 -0.03
N VAL A 164 1.67 -54.37 0.17
CA VAL A 164 0.78 -53.22 0.29
C VAL A 164 1.02 -52.48 1.59
N GLY A 165 1.26 -53.23 2.68
CA GLY A 165 1.45 -52.58 3.98
C GLY A 165 2.62 -51.62 4.00
N TYR A 166 3.73 -52.00 3.36
CA TYR A 166 4.88 -51.11 3.25
C TYR A 166 4.75 -50.11 2.11
N SER A 167 3.78 -50.29 1.20
CA SER A 167 3.66 -49.41 0.05
C SER A 167 3.34 -47.98 0.48
N LEU A 168 2.40 -47.80 1.40
CA LEU A 168 2.02 -46.48 1.86
C LEU A 168 2.89 -45.98 3.01
N SER A 169 3.77 -46.82 3.54
CA SER A 169 4.64 -46.38 4.64
C SER A 169 5.62 -45.32 4.17
N LEU A 170 6.32 -45.58 3.07
CA LEU A 170 7.26 -44.58 2.55
C LEU A 170 6.52 -43.34 2.05
N GLY A 171 5.36 -43.54 1.41
CA GLY A 171 4.62 -42.39 0.91
C GLY A 171 4.18 -41.44 2.00
N ALA A 172 3.69 -41.98 3.12
CA ALA A 172 3.31 -41.13 4.24
C ALA A 172 4.52 -40.52 4.93
N LEU A 173 5.59 -41.31 5.08
CA LEU A 173 6.78 -40.82 5.79
C LEU A 173 7.52 -39.77 4.96
N LEU A 174 7.67 -40.02 3.64
CA LEU A 174 8.36 -39.05 2.79
C LEU A 174 7.56 -37.75 2.71
N LEU A 175 6.23 -37.83 2.71
CA LEU A 175 5.41 -36.63 2.76
C LEU A 175 5.65 -35.87 4.05
N ALA A 176 5.80 -36.59 5.17
CA ALA A 176 6.13 -35.94 6.43
C ALA A 176 7.51 -35.28 6.37
N LEU A 177 8.47 -35.92 5.70
CA LEU A 177 9.80 -35.32 5.55
C LEU A 177 9.73 -34.02 4.77
N ALA A 178 8.93 -33.99 3.70
CA ALA A 178 8.77 -32.76 2.93
C ALA A 178 8.14 -31.66 3.77
N ILE A 179 7.12 -32.01 4.56
CA ILE A 179 6.48 -31.02 5.43
C ILE A 179 7.44 -30.59 6.54
N LEU A 180 8.06 -31.56 7.20
CA LEU A 180 8.96 -31.25 8.31
C LEU A 180 10.32 -30.74 7.85
N GLY A 181 10.61 -30.81 6.55
CA GLY A 181 11.89 -30.34 6.05
C GLY A 181 12.04 -28.83 6.12
N GLY A 182 11.25 -28.11 5.32
CA GLY A 182 11.31 -26.66 5.34
C GLY A 182 9.98 -25.99 5.60
N LEU A 183 9.84 -25.38 6.78
CA LEU A 183 8.68 -24.58 7.14
C LEU A 183 9.12 -23.55 8.18
N SER A 184 8.14 -22.92 8.84
CA SER A 184 8.46 -21.96 9.89
C SER A 184 9.12 -22.62 11.10
N LYS A 185 9.00 -23.93 11.24
CA LYS A 185 9.58 -24.67 12.36
C LYS A 185 10.58 -25.72 11.87
N LEU A 186 11.36 -25.37 10.84
CA LEU A 186 12.33 -26.32 10.31
C LEU A 186 13.44 -26.62 11.31
N HIS A 187 13.84 -25.64 12.11
CA HIS A 187 14.92 -25.80 13.08
C HIS A 187 14.41 -26.02 14.49
N CYS A 188 13.12 -26.33 14.65
CA CYS A 188 12.58 -26.55 15.99
C CYS A 188 13.17 -27.80 16.61
N THR A 189 13.47 -27.72 17.92
CA THR A 189 14.04 -28.86 18.63
C THR A 189 13.04 -30.00 18.73
N ARG A 190 11.75 -29.68 18.87
CA ARG A 190 10.73 -30.72 18.96
C ARG A 190 10.66 -31.54 17.68
N ASN A 191 10.73 -30.88 16.52
CA ASN A 191 10.67 -31.57 15.25
C ASN A 191 12.01 -32.18 14.84
N ALA A 192 13.10 -31.83 15.51
CA ALA A 192 14.40 -32.41 15.18
C ALA A 192 14.48 -33.88 15.58
N ILE A 193 13.62 -34.33 16.49
CA ILE A 193 13.62 -35.73 16.90
C ILE A 193 12.64 -36.55 16.06
N HIS A 194 11.47 -35.98 15.78
CA HIS A 194 10.48 -36.70 14.96
C HIS A 194 10.98 -36.91 13.54
N ALA A 195 11.66 -35.91 12.98
CA ALA A 195 12.16 -36.04 11.61
C ALA A 195 13.18 -37.16 11.49
N ASN A 196 14.09 -37.27 12.47
CA ASN A 196 15.06 -38.36 12.43
C ASN A 196 14.41 -39.70 12.73
N LEU A 197 13.33 -39.71 13.52
CA LEU A 197 12.61 -40.96 13.76
C LEU A 197 11.99 -41.49 12.48
N PHE A 198 11.45 -40.61 11.65
CA PHE A 198 10.88 -41.04 10.37
C PHE A 198 11.97 -41.59 9.46
N ALA A 199 13.17 -41.01 9.50
CA ALA A 199 14.26 -41.49 8.66
C ALA A 199 14.63 -42.93 9.00
N SER A 200 14.63 -43.27 10.30
CA SER A 200 14.90 -44.64 10.70
C SER A 200 13.81 -45.58 10.17
N PHE A 201 12.55 -45.15 10.23
CA PHE A 201 11.47 -45.95 9.67
C PHE A 201 11.62 -46.09 8.15
N VAL A 202 11.98 -45.00 7.48
CA VAL A 202 12.19 -45.04 6.03
C VAL A 202 13.34 -45.99 5.69
N LEU A 203 14.44 -45.90 6.44
CA LEU A 203 15.59 -46.77 6.18
C LEU A 203 15.23 -48.23 6.37
N LYS A 204 14.47 -48.55 7.42
CA LYS A 204 14.05 -49.94 7.63
C LYS A 204 13.06 -50.39 6.55
N ALA A 205 12.10 -49.53 6.21
CA ALA A 205 11.09 -49.89 5.22
C ALA A 205 11.69 -50.05 3.83
N SER A 206 12.63 -49.17 3.47
CA SER A 206 13.24 -49.24 2.14
C SER A 206 14.00 -50.55 1.95
N SER A 207 14.73 -50.98 2.98
CA SER A 207 15.47 -52.23 2.87
C SER A 207 14.55 -53.44 2.79
N VAL A 208 13.33 -53.34 3.34
CA VAL A 208 12.39 -54.44 3.29
C VAL A 208 11.88 -54.64 1.86
N LEU A 209 11.51 -53.54 1.19
CA LEU A 209 10.93 -53.65 -0.14
C LEU A 209 11.90 -54.24 -1.15
N VAL A 210 13.16 -53.80 -1.12
CA VAL A 210 14.14 -54.28 -2.09
C VAL A 210 14.43 -55.77 -1.88
N ILE A 211 14.43 -56.23 -0.63
CA ILE A 211 14.67 -57.65 -0.37
C ILE A 211 13.57 -58.51 -0.99
N ASP A 212 12.30 -58.09 -0.83
CA ASP A 212 11.20 -58.83 -1.41
C ASP A 212 11.28 -58.84 -2.93
N GLY A 213 11.63 -57.71 -3.54
CA GLY A 213 11.74 -57.65 -4.99
C GLY A 213 12.86 -58.51 -5.53
N LEU A 214 14.00 -58.53 -4.84
CA LEU A 214 15.13 -59.35 -5.30
C LEU A 214 14.79 -60.83 -5.27
N LEU A 215 14.12 -61.28 -4.22
CA LEU A 215 13.71 -62.68 -4.14
C LEU A 215 12.71 -63.04 -5.25
N ARG A 216 11.79 -62.11 -5.54
CA ARG A 216 10.83 -62.34 -6.61
C ARG A 216 11.53 -62.47 -7.96
N THR A 217 12.52 -61.61 -8.21
CA THR A 217 13.25 -61.67 -9.47
C THR A 217 14.00 -62.99 -9.62
N ARG A 218 14.64 -63.45 -8.55
CA ARG A 218 15.39 -64.69 -8.58
C ARG A 218 14.45 -65.90 -8.60
N ALA A 237 21.25 -63.55 -6.14
CA ALA A 237 22.48 -62.77 -6.25
C ALA A 237 23.07 -62.48 -4.88
N VAL A 238 24.29 -62.97 -4.65
CA VAL A 238 24.96 -62.74 -3.37
C VAL A 238 25.24 -61.25 -3.18
N ALA A 239 25.75 -60.59 -4.22
CA ALA A 239 26.05 -59.17 -4.11
C ALA A 239 24.80 -58.31 -4.13
N GLY A 240 23.71 -58.81 -4.72
CA GLY A 240 22.49 -58.02 -4.78
C GLY A 240 21.89 -57.77 -3.41
N CYS A 241 21.83 -58.81 -2.57
CA CYS A 241 21.27 -58.67 -1.23
C CYS A 241 22.26 -58.11 -0.23
N ARG A 242 23.53 -57.94 -0.61
CA ARG A 242 24.53 -57.45 0.33
C ARG A 242 24.21 -56.05 0.82
N VAL A 243 23.81 -55.16 -0.09
CA VAL A 243 23.47 -53.80 0.30
C VAL A 243 22.15 -53.76 1.06
N ALA A 244 21.18 -54.58 0.64
CA ALA A 244 19.82 -54.45 1.17
C ALA A 244 19.73 -54.85 2.64
N ALA A 245 20.31 -56.00 2.99
CA ALA A 245 20.05 -56.60 4.30
C ALA A 245 20.79 -55.90 5.43
N VAL A 246 21.94 -55.29 5.16
CA VAL A 246 22.76 -54.73 6.24
C VAL A 246 22.04 -53.59 6.95
N PHE A 247 21.39 -52.70 6.19
CA PHE A 247 20.61 -51.65 6.82
C PHE A 247 19.28 -52.15 7.38
N MET A 248 18.76 -53.27 6.89
CA MET A 248 17.51 -53.79 7.40
C MET A 248 17.61 -54.18 8.86
N GLN A 249 18.70 -54.87 9.23
CA GLN A 249 18.91 -55.22 10.62
C GLN A 249 19.33 -54.02 11.46
N TYR A 250 20.08 -53.09 10.86
CA TYR A 250 20.44 -51.87 11.57
C TYR A 250 19.24 -50.94 11.73
N GLY A 251 18.35 -50.91 10.75
CA GLY A 251 17.20 -50.02 10.83
C GLY A 251 16.24 -50.38 11.95
N ILE A 252 15.95 -51.67 12.11
CA ILE A 252 15.03 -52.10 13.16
C ILE A 252 15.63 -51.86 14.54
N VAL A 253 16.95 -52.03 14.67
CA VAL A 253 17.62 -51.73 15.94
C VAL A 253 17.60 -50.23 16.20
N ALA A 254 17.91 -49.43 15.17
CA ALA A 254 17.89 -47.98 15.34
C ALA A 254 16.47 -47.46 15.54
N ASN A 255 15.46 -48.19 15.06
CA ASN A 255 14.08 -47.77 15.25
C ASN A 255 13.72 -47.77 16.73
N TYR A 256 14.10 -48.82 17.46
CA TYR A 256 13.86 -48.86 18.89
C TYR A 256 14.84 -47.99 19.66
N CYS A 257 16.08 -47.87 19.17
CA CYS A 257 17.06 -47.03 19.85
C CYS A 257 16.67 -45.57 19.83
N TRP A 258 16.19 -45.08 18.68
CA TRP A 258 15.70 -43.71 18.61
C TRP A 258 14.31 -43.57 19.26
N LEU A 259 13.59 -44.68 19.42
CA LEU A 259 12.35 -44.64 20.19
C LEU A 259 12.62 -44.27 21.64
N LEU A 260 13.72 -44.79 22.20
CA LEU A 260 14.13 -44.40 23.54
C LEU A 260 14.56 -42.93 23.58
N VAL A 261 15.06 -42.40 22.46
CA VAL A 261 15.45 -40.99 22.42
C VAL A 261 14.24 -40.10 22.65
N GLU A 262 13.12 -40.43 21.99
CA GLU A 262 11.90 -39.65 22.17
C GLU A 262 11.38 -39.77 23.61
N GLY A 263 11.47 -40.97 24.18
CA GLY A 263 11.02 -41.15 25.55
C GLY A 263 11.81 -40.32 26.55
N LEU A 264 13.13 -40.26 26.38
CA LEU A 264 13.95 -39.43 27.24
C LEU A 264 13.71 -37.95 26.99
N TYR A 265 13.32 -37.58 25.77
CA TYR A 265 13.03 -36.19 25.46
C TYR A 265 11.84 -35.69 26.28
N LEU A 266 10.79 -36.52 26.39
CA LEU A 266 9.64 -36.15 27.22
C LEU A 266 10.03 -36.06 28.69
N HIS A 267 10.88 -36.99 29.16
CA HIS A 267 11.33 -36.94 30.55
C HIS A 267 12.12 -35.67 30.82
N ASN A 268 13.01 -35.30 29.90
CA ASN A 268 13.76 -34.06 30.06
C ASN A 268 12.83 -32.85 29.99
N LEU A 269 11.84 -32.88 29.11
CA LEU A 269 10.89 -31.78 29.01
C LEU A 269 10.05 -31.66 30.28
N LEU A 270 9.64 -32.78 30.85
CA LEU A 270 8.81 -32.79 32.05
C LEU A 270 9.64 -32.84 33.33
N GLY A 271 10.96 -32.83 33.23
CA GLY A 271 11.82 -32.87 34.40
C GLY A 271 12.52 -31.55 34.67
N GLU A 277 19.02 -29.88 21.96
CA GLU A 277 19.73 -28.67 22.38
C GLU A 277 20.65 -28.97 23.56
N ARG A 278 21.64 -28.11 23.75
CA ARG A 278 22.63 -28.22 24.84
C ARG A 278 23.35 -29.57 24.70
N SER A 279 23.84 -30.12 25.82
CA SER A 279 24.53 -31.40 25.78
C SER A 279 23.58 -32.57 25.52
N PHE A 280 22.28 -32.36 25.67
CA PHE A 280 21.32 -33.44 25.43
C PHE A 280 21.32 -33.86 23.97
N PHE A 281 21.44 -32.89 23.05
CA PHE A 281 21.38 -33.21 21.62
C PHE A 281 22.50 -34.16 21.21
N SER A 282 23.72 -33.94 21.74
CA SER A 282 24.81 -34.85 21.46
C SER A 282 24.53 -36.24 22.01
N LEU A 283 23.98 -36.31 23.23
CA LEU A 283 23.65 -37.60 23.82
C LEU A 283 22.53 -38.31 23.05
N TYR A 284 21.52 -37.55 22.62
CA TYR A 284 20.40 -38.16 21.90
C TYR A 284 20.84 -38.75 20.58
N LEU A 285 21.74 -38.07 19.87
CA LEU A 285 22.22 -38.59 18.58
C LEU A 285 22.99 -39.90 18.78
N GLY A 286 23.79 -39.99 19.84
CA GLY A 286 24.54 -41.20 20.10
C GLY A 286 23.65 -42.40 20.40
N ILE A 287 22.51 -42.16 21.05
CA ILE A 287 21.60 -43.26 21.36
C ILE A 287 20.96 -43.81 20.10
N GLY A 288 20.60 -42.93 19.16
CA GLY A 288 19.92 -43.35 17.96
C GLY A 288 20.80 -43.77 16.81
N TRP A 289 21.72 -42.89 16.38
CA TRP A 289 22.58 -43.15 15.25
C TRP A 289 24.04 -43.37 15.65
N GLY A 290 24.30 -43.58 16.93
CA GLY A 290 25.65 -43.74 17.42
C GLY A 290 25.97 -45.15 17.87
N ALA A 291 25.86 -45.40 19.17
CA ALA A 291 26.21 -46.70 19.75
C ALA A 291 25.53 -47.89 19.07
N PRO A 292 24.25 -47.87 18.71
CA PRO A 292 23.67 -49.04 18.04
C PRO A 292 24.38 -49.41 16.75
N MET A 293 24.98 -48.45 16.05
CA MET A 293 25.80 -48.78 14.89
C MET A 293 27.03 -49.58 15.29
N LEU A 294 27.51 -49.42 16.52
CA LEU A 294 28.66 -50.19 16.99
C LEU A 294 28.30 -51.63 17.34
N PHE A 295 27.05 -51.88 17.72
CA PHE A 295 26.62 -53.24 18.03
C PHE A 295 26.01 -53.97 16.85
N VAL A 296 25.88 -53.33 15.70
CA VAL A 296 25.29 -53.99 14.53
C VAL A 296 26.40 -54.46 13.60
N VAL A 297 27.56 -53.79 13.64
CA VAL A 297 28.68 -54.19 12.81
C VAL A 297 29.20 -55.59 13.13
N PRO A 298 29.34 -56.02 14.39
CA PRO A 298 29.87 -57.38 14.62
C PRO A 298 29.03 -58.48 14.00
N TRP A 299 27.70 -58.29 13.94
CA TRP A 299 26.85 -59.25 13.25
C TRP A 299 27.18 -59.32 11.76
N ALA A 300 27.38 -58.16 11.13
CA ALA A 300 27.72 -58.12 9.71
C ALA A 300 29.17 -58.50 9.46
N VAL A 301 30.05 -58.30 10.44
CA VAL A 301 31.47 -58.60 10.24
C VAL A 301 31.68 -60.10 10.04
N VAL A 302 31.01 -60.92 10.86
CA VAL A 302 31.25 -62.37 10.84
C VAL A 302 30.30 -62.96 9.79
N LYS A 303 30.72 -62.87 8.54
CA LYS A 303 30.06 -63.57 7.44
C LYS A 303 31.00 -64.52 6.72
N CYS A 304 32.16 -64.04 6.27
CA CYS A 304 33.15 -64.92 5.65
C CYS A 304 33.89 -65.76 6.68
N LEU A 305 34.00 -65.25 7.91
CA LEU A 305 34.71 -66.00 8.96
C LEU A 305 33.96 -67.29 9.29
N PHE A 306 32.64 -67.23 9.41
CA PHE A 306 31.86 -68.40 9.77
C PHE A 306 30.40 -68.18 9.37
N GLU A 307 29.76 -69.27 8.92
CA GLU A 307 28.33 -69.28 8.59
C GLU A 307 28.00 -68.24 7.51
N ASN A 308 28.63 -68.40 6.35
CA ASN A 308 28.29 -67.56 5.21
C ASN A 308 26.91 -67.89 4.67
N VAL A 309 26.63 -69.19 4.49
CA VAL A 309 25.39 -69.75 3.96
C VAL A 309 24.77 -68.83 2.89
N GLN A 310 25.59 -68.50 1.89
CA GLN A 310 25.18 -67.61 0.78
C GLN A 310 24.72 -66.29 1.40
N CYS A 311 23.48 -65.87 1.22
CA CYS A 311 22.97 -64.66 1.85
C CYS A 311 22.28 -64.98 3.16
N TRP A 312 22.01 -63.94 3.94
CA TRP A 312 21.30 -64.10 5.21
C TRP A 312 19.90 -64.64 4.99
N THR A 313 19.52 -65.64 5.80
CA THR A 313 18.17 -66.17 5.82
C THR A 313 17.51 -66.04 7.18
N SER A 314 18.29 -65.96 8.27
CA SER A 314 17.78 -65.77 9.62
C SER A 314 16.86 -66.90 10.06
N ASN A 315 17.09 -68.11 9.53
CA ASN A 315 16.35 -69.30 9.94
C ASN A 315 17.27 -70.44 10.38
N ASP A 316 18.57 -70.19 10.46
CA ASP A 316 19.54 -71.21 10.87
C ASP A 316 19.56 -71.31 12.39
N ASN A 317 20.56 -72.00 12.93
CA ASN A 317 20.70 -72.14 14.37
C ASN A 317 20.91 -70.78 15.02
N MET A 318 20.58 -70.72 16.31
CA MET A 318 20.62 -69.48 17.08
C MET A 318 22.02 -69.12 17.57
N GLY A 319 23.07 -69.70 16.97
CA GLY A 319 24.42 -69.34 17.37
C GLY A 319 24.74 -67.87 17.12
N PHE A 320 24.23 -67.32 16.02
CA PHE A 320 24.38 -65.91 15.72
C PHE A 320 23.21 -65.06 16.20
N TRP A 321 22.24 -65.66 16.88
CA TRP A 321 21.09 -64.93 17.37
C TRP A 321 21.42 -64.25 18.71
N TRP A 322 20.48 -63.41 19.16
CA TRP A 322 20.53 -62.66 20.41
C TRP A 322 21.76 -61.76 20.53
N ILE A 323 22.52 -61.58 19.45
CA ILE A 323 23.57 -60.56 19.45
C ILE A 323 23.09 -59.26 18.85
N LEU A 324 22.00 -59.27 18.07
CA LEU A 324 21.35 -58.07 17.61
C LEU A 324 19.97 -57.87 18.23
N ARG A 325 19.40 -58.89 18.84
CA ARG A 325 18.12 -58.77 19.54
C ARG A 325 18.28 -58.22 20.96
N PHE A 326 19.51 -58.18 21.48
CA PHE A 326 19.73 -57.60 22.80
C PHE A 326 19.42 -56.11 22.86
N PRO A 327 19.91 -55.26 21.93
CA PRO A 327 19.60 -53.82 22.05
C PRO A 327 18.11 -53.50 22.00
N VAL A 328 17.35 -54.19 21.13
CA VAL A 328 15.92 -53.90 21.04
C VAL A 328 15.20 -54.37 22.29
N PHE A 329 15.58 -55.53 22.83
CA PHE A 329 15.01 -55.98 24.10
C PHE A 329 15.42 -55.04 25.23
N LEU A 330 16.68 -54.60 25.24
CA LEU A 330 17.13 -53.68 26.28
C LEU A 330 16.42 -52.34 26.18
N ALA A 331 16.28 -51.81 24.96
CA ALA A 331 15.62 -50.51 24.78
C ALA A 331 14.17 -50.57 25.23
N ILE A 332 13.49 -51.68 24.96
CA ILE A 332 12.10 -51.83 25.40
C ILE A 332 12.03 -51.83 26.92
N LEU A 333 12.96 -52.52 27.58
CA LEU A 333 12.94 -52.57 29.04
C LEU A 333 13.16 -51.20 29.66
N ILE A 334 14.11 -50.42 29.12
CA ILE A 334 14.34 -49.08 29.63
C ILE A 334 13.16 -48.17 29.30
N ASN A 335 12.56 -48.36 28.12
CA ASN A 335 11.42 -47.53 27.73
C ASN A 335 10.26 -47.66 28.72
N PHE A 336 10.08 -48.85 29.31
CA PHE A 336 9.06 -49.02 30.32
C PHE A 336 9.42 -48.30 31.62
N PHE A 337 10.72 -48.20 31.94
CA PHE A 337 11.14 -47.51 33.15
C PHE A 337 10.75 -46.04 33.10
N ILE A 338 11.00 -45.37 31.96
CA ILE A 338 10.55 -43.99 31.81
C ILE A 338 9.03 -43.92 31.73
N PHE A 339 8.41 -44.90 31.07
CA PHE A 339 6.96 -44.90 30.95
C PHE A 339 6.27 -44.97 32.30
N VAL A 340 6.77 -45.81 33.21
CA VAL A 340 6.21 -45.89 34.55
C VAL A 340 6.42 -44.57 35.29
N ARG A 341 7.60 -43.96 35.12
CA ARG A 341 7.88 -42.69 35.78
C ARG A 341 7.02 -41.57 35.21
N ILE A 342 6.81 -41.57 33.89
CA ILE A 342 6.18 -40.42 33.25
C ILE A 342 4.69 -40.33 33.59
N VAL A 343 4.01 -41.46 33.78
CA VAL A 343 2.58 -41.41 34.08
C VAL A 343 2.34 -40.87 35.47
N GLN A 344 3.16 -41.28 36.44
CA GLN A 344 3.01 -40.78 37.80
C GLN A 344 3.33 -39.28 37.87
N LEU A 345 4.34 -38.84 37.14
CA LEU A 345 4.70 -37.43 37.14
C LEU A 345 3.59 -36.57 36.55
N LEU A 346 2.99 -37.03 35.44
CA LEU A 346 1.93 -36.24 34.81
C LEU A 346 0.66 -36.23 35.66
N VAL A 347 0.29 -37.38 36.23
CA VAL A 347 -0.92 -37.45 37.05
C VAL A 347 -0.78 -36.55 38.28
N ALA A 348 0.37 -36.62 38.96
CA ALA A 348 0.60 -35.78 40.13
C ALA A 348 0.58 -34.30 39.75
N LYS A 349 1.23 -33.94 38.64
CA LYS A 349 1.26 -32.55 38.22
C LYS A 349 -0.12 -32.05 37.82
N LEU A 350 -0.85 -32.84 37.03
CA LEU A 350 -2.17 -32.46 36.58
C LEU A 350 -3.20 -32.49 37.70
N ARG A 351 -2.89 -33.11 38.84
CA ARG A 351 -3.84 -33.16 39.94
C ARG A 351 -4.11 -31.77 40.51
N ALA A 352 -3.06 -30.95 40.62
CA ALA A 352 -3.17 -29.61 41.19
C ALA A 352 -2.70 -28.60 40.15
N ARG A 353 -3.63 -28.18 39.29
CA ARG A 353 -3.41 -27.14 38.29
C ARG A 353 -2.25 -27.57 37.39
N GLN A 354 -1.19 -26.79 37.26
CA GLN A 354 -0.03 -27.08 36.40
C GLN A 354 -0.53 -27.20 34.96
N MET A 355 0.16 -27.99 34.14
CA MET A 355 -0.19 -28.15 32.72
C MET A 355 -1.29 -29.21 32.59
N HIS A 356 -2.49 -28.82 33.00
CA HIS A 356 -3.63 -29.74 32.94
C HIS A 356 -4.06 -29.97 31.49
N HIS A 357 -4.17 -28.89 30.71
CA HIS A 357 -4.60 -28.97 29.32
C HIS A 357 -3.73 -28.10 28.44
N THR A 358 -2.43 -28.14 28.65
CA THR A 358 -1.51 -27.34 27.83
C THR A 358 -1.44 -27.90 26.42
N ASP A 359 -1.01 -27.04 25.50
CA ASP A 359 -0.90 -27.39 24.08
C ASP A 359 0.50 -27.83 23.68
N TYR A 360 1.45 -27.87 24.62
CA TYR A 360 2.83 -28.22 24.31
C TYR A 360 3.26 -29.53 24.95
N LYS A 361 3.13 -29.64 26.27
CA LYS A 361 3.54 -30.86 26.96
C LYS A 361 2.52 -31.99 26.75
N PHE A 362 1.23 -31.66 26.80
CA PHE A 362 0.20 -32.70 26.66
C PHE A 362 0.20 -33.30 25.26
N ARG A 363 0.42 -32.47 24.24
CA ARG A 363 0.41 -32.99 22.86
C ARG A 363 1.50 -34.01 22.64
N LEU A 364 2.71 -33.74 23.13
CA LEU A 364 3.79 -34.71 23.02
C LEU A 364 3.50 -35.96 23.85
N ALA A 365 2.97 -35.77 25.07
CA ALA A 365 2.71 -36.92 25.94
C ALA A 365 1.57 -37.78 25.41
N LYS A 366 0.57 -37.17 24.76
CA LYS A 366 -0.55 -37.95 24.24
C LYS A 366 -0.09 -38.95 23.19
N SER A 367 0.79 -38.52 22.28
CA SER A 367 1.31 -39.44 21.27
C SER A 367 2.35 -40.39 21.85
N THR A 368 3.12 -39.94 22.84
CA THR A 368 4.12 -40.82 23.46
C THR A 368 3.44 -41.96 24.21
N LEU A 369 2.31 -41.68 24.87
CA LEU A 369 1.64 -42.69 25.69
C LEU A 369 1.16 -43.87 24.88
N THR A 370 1.02 -43.74 23.56
CA THR A 370 0.56 -44.82 22.71
C THR A 370 1.68 -45.54 21.99
N LEU A 371 2.73 -44.83 21.56
CA LEU A 371 3.78 -45.46 20.77
C LEU A 371 4.63 -46.41 21.61
N ILE A 372 5.06 -45.96 22.78
CA ILE A 372 5.97 -46.77 23.60
C ILE A 372 5.35 -48.09 24.04
N PRO A 373 4.15 -48.13 24.64
CA PRO A 373 3.61 -49.42 25.09
C PRO A 373 3.23 -50.35 23.94
N LEU A 374 2.46 -49.84 22.98
CA LEU A 374 1.92 -50.69 21.93
C LEU A 374 3.03 -51.30 21.09
N LEU A 375 4.04 -50.51 20.71
CA LEU A 375 5.17 -51.06 19.99
C LEU A 375 6.03 -51.93 20.88
N GLY A 376 6.16 -51.57 22.16
CA GLY A 376 6.99 -52.36 23.06
C GLY A 376 6.44 -53.75 23.31
N VAL A 377 5.13 -53.86 23.56
CA VAL A 377 4.55 -55.15 23.85
C VAL A 377 4.44 -56.03 22.61
N HIS A 378 4.43 -55.44 21.42
CA HIS A 378 4.33 -56.22 20.19
C HIS A 378 5.57 -57.08 20.00
N GLU A 379 6.75 -56.51 20.22
CA GLU A 379 7.99 -57.24 19.93
C GLU A 379 8.24 -58.34 20.96
N VAL A 380 8.07 -58.05 22.25
CA VAL A 380 8.43 -59.00 23.28
C VAL A 380 7.47 -60.19 23.29
N VAL A 381 6.17 -59.94 23.09
CA VAL A 381 5.18 -61.01 23.15
C VAL A 381 5.40 -62.01 22.02
N PHE A 382 5.62 -61.52 20.81
CA PHE A 382 5.78 -62.40 19.65
C PHE A 382 7.17 -62.99 19.55
N ALA A 383 8.15 -62.47 20.29
CA ALA A 383 9.49 -63.03 20.26
C ALA A 383 9.51 -64.45 20.84
N PHE A 384 8.78 -64.67 21.92
CA PHE A 384 8.73 -66.00 22.55
C PHE A 384 7.43 -66.71 22.21
N ALA A 397 -2.27 -69.37 12.56
CA ALA A 397 -2.39 -68.14 11.81
C ALA A 397 -1.82 -66.96 12.61
N LYS A 398 -1.17 -67.28 13.73
CA LYS A 398 -0.59 -66.23 14.57
C LYS A 398 0.58 -65.55 13.86
N LEU A 399 1.39 -66.32 13.13
CA LEU A 399 2.54 -65.74 12.44
C LEU A 399 2.11 -64.75 11.37
N PHE A 400 1.04 -65.06 10.63
CA PHE A 400 0.57 -64.16 9.59
C PHE A 400 -0.03 -62.89 10.17
N PHE A 401 -0.55 -62.95 11.41
CA PHE A 401 -1.17 -61.78 12.01
C PHE A 401 -0.15 -60.73 12.44
N ASP A 402 1.12 -61.12 12.60
CA ASP A 402 2.17 -60.19 13.01
C ASP A 402 2.94 -59.61 11.84
N LEU A 403 2.57 -59.94 10.60
CA LEU A 403 3.32 -59.45 9.46
C LEU A 403 2.94 -58.02 9.10
N PHE A 404 1.64 -57.72 9.07
CA PHE A 404 1.19 -56.37 8.75
C PHE A 404 1.23 -55.43 9.94
N LEU A 405 1.41 -55.96 11.15
CA LEU A 405 1.53 -55.09 12.31
C LEU A 405 2.77 -54.20 12.22
N SER A 406 3.89 -54.76 11.80
CA SER A 406 5.10 -53.96 11.61
C SER A 406 5.01 -53.11 10.35
N SER A 407 4.22 -53.54 9.37
CA SER A 407 4.06 -52.76 8.14
C SER A 407 3.39 -51.43 8.41
N PHE A 408 2.39 -51.41 9.28
CA PHE A 408 1.66 -50.20 9.60
C PHE A 408 2.35 -49.34 10.66
N GLN A 409 3.48 -49.79 11.20
CA GLN A 409 4.19 -49.02 12.23
C GLN A 409 4.66 -47.68 11.68
N GLY A 410 5.18 -47.67 10.45
CA GLY A 410 5.64 -46.42 9.87
C GLY A 410 4.51 -45.44 9.64
N LEU A 411 3.38 -45.93 9.12
CA LEU A 411 2.22 -45.07 8.91
C LEU A 411 1.64 -44.60 10.25
N LEU A 412 1.57 -45.50 11.23
CA LEU A 412 1.00 -45.16 12.53
C LEU A 412 1.82 -44.07 13.22
N VAL A 413 3.15 -44.17 13.15
CA VAL A 413 3.99 -43.16 13.76
C VAL A 413 3.84 -41.82 13.05
N ALA A 414 3.79 -41.84 11.71
CA ALA A 414 3.71 -40.60 10.96
C ALA A 414 2.40 -39.85 11.23
N VAL A 415 1.28 -40.56 11.27
CA VAL A 415 0.00 -39.90 11.47
C VAL A 415 -0.10 -39.34 12.89
N LEU A 416 0.44 -40.05 13.88
CA LEU A 416 0.39 -39.60 15.26
C LEU A 416 1.40 -38.50 15.57
N TYR A 417 2.36 -38.25 14.68
CA TYR A 417 3.37 -37.23 14.90
C TYR A 417 3.27 -36.06 13.94
N CYS A 418 2.76 -36.27 12.73
CA CYS A 418 2.66 -35.21 11.73
C CYS A 418 1.23 -34.86 11.38
N PHE A 419 0.39 -35.86 11.07
CA PHE A 419 -0.99 -35.57 10.69
C PHE A 419 -1.82 -35.10 11.87
N LEU A 420 -1.65 -35.75 13.03
CA LEU A 420 -2.44 -35.40 14.21
C LEU A 420 -1.96 -34.13 14.88
N ASN A 421 -0.71 -33.72 14.64
CA ASN A 421 -0.18 -32.53 15.29
C ASN A 421 -0.99 -31.30 14.90
N LYS A 422 -1.37 -30.50 15.92
CA LYS A 422 -2.19 -29.32 15.67
C LYS A 422 -1.38 -28.16 15.14
N GLU A 423 -0.12 -28.04 15.56
CA GLU A 423 0.69 -26.88 15.14
C GLU A 423 0.91 -26.85 13.64
N VAL A 424 1.21 -28.01 13.03
CA VAL A 424 1.42 -28.06 11.59
C VAL A 424 0.11 -27.81 10.84
N GLN A 425 -1.02 -28.27 11.39
CA GLN A 425 -2.30 -28.06 10.73
C GLN A 425 -2.62 -26.57 10.61
N SER A 426 -2.31 -25.78 11.64
CA SER A 426 -2.49 -24.34 11.55
C SER A 426 -1.61 -23.75 10.45
N GLU A 427 -0.35 -24.20 10.36
CA GLU A 427 0.52 -23.75 9.29
C GLU A 427 0.02 -24.25 7.94
N LEU A 428 -0.44 -25.50 7.88
CA LEU A 428 -0.97 -26.03 6.63
C LEU A 428 -2.22 -25.28 6.19
N ARG A 429 -3.10 -24.94 7.13
CA ARG A 429 -4.29 -24.17 6.79
C ARG A 429 -3.92 -22.78 6.30
N ARG A 430 -2.89 -22.17 6.89
CA ARG A 430 -2.46 -20.85 6.45
C ARG A 430 -1.96 -20.88 5.01
N ARG A 431 -1.17 -21.89 4.65
CA ARG A 431 -0.72 -22.02 3.28
C ARG A 431 -1.89 -22.33 2.33
N TRP A 432 -2.81 -23.18 2.76
CA TRP A 432 -3.97 -23.50 1.93
C TRP A 432 -4.85 -22.27 1.72
N HIS A 433 -5.08 -21.49 2.78
CA HIS A 433 -5.88 -20.28 2.64
C HIS A 433 -5.19 -19.26 1.73
N ARG A 434 -3.87 -19.12 1.85
CA ARG A 434 -3.15 -18.18 1.00
C ARG A 434 -3.22 -18.58 -0.46
N TRP A 435 -3.08 -19.88 -0.75
CA TRP A 435 -3.19 -20.34 -2.13
C TRP A 435 -4.59 -20.12 -2.68
N ARG A 436 -5.61 -20.42 -1.89
CA ARG A 436 -6.99 -20.21 -2.34
C ARG A 436 -7.28 -18.73 -2.55
N LEU A 437 -6.83 -17.87 -1.64
CA LEU A 437 -7.08 -16.44 -1.76
C LEU A 437 -6.36 -15.86 -2.98
N GLY A 438 -5.15 -16.34 -3.26
CA GLY A 438 -4.40 -15.81 -4.40
C GLY A 438 -5.10 -16.07 -5.72
N LYS A 439 -5.76 -17.22 -5.84
CA LYS A 439 -6.50 -17.52 -7.07
C LYS A 439 -7.71 -16.62 -7.23
N VAL A 440 -8.43 -16.36 -6.13
CA VAL A 440 -9.70 -15.62 -6.21
C VAL A 440 -9.48 -14.20 -6.69
N LEU A 441 -8.41 -13.55 -6.23
CA LEU A 441 -8.18 -12.16 -6.57
C LEU A 441 -7.68 -11.95 -7.99
N TRP A 442 -7.26 -13.00 -8.69
CA TRP A 442 -6.65 -12.86 -10.00
C TRP A 442 -7.15 -13.92 -10.99
N GLU A 443 -8.47 -14.13 -11.03
CA GLU A 443 -9.01 -14.91 -12.13
C GLU A 443 -9.20 -14.03 -13.37
N GLU A 444 -9.26 -14.68 -14.52
CA GLU A 444 -9.50 -14.00 -15.78
C GLU A 444 -10.98 -13.96 -16.17
N ARG A 445 -11.85 -14.56 -15.37
CA ARG A 445 -13.28 -14.58 -15.65
C ARG A 445 -14.10 -14.41 -14.37
N GLU A 463 -24.20 7.02 -17.90
CA GLU A 463 -23.00 7.69 -18.38
C GLU A 463 -22.20 8.25 -17.21
N SEP A 464 -21.00 8.74 -17.49
CA SEP A 464 -20.14 9.31 -16.44
CB SEP A 464 -18.88 8.46 -16.26
OG SEP A 464 -19.19 7.17 -15.74
C SEP A 464 -19.76 10.74 -16.76
O SEP A 464 -19.34 11.06 -17.87
P SEP A 464 -19.08 7.19 -14.14
O1P SEP A 464 -20.45 7.78 -13.52
O2P SEP A 464 -17.85 8.11 -13.69
O3P SEP A 464 -18.87 5.70 -13.60
N CYS A 465 -19.92 11.61 -15.76
CA CYS A 465 -19.54 13.02 -15.90
C CYS A 465 -18.33 13.34 -15.03
N THR A 466 -17.40 14.12 -15.58
CA THR A 466 -16.20 14.49 -14.86
C THR A 466 -16.51 15.38 -13.66
N TPO A 467 -15.71 15.25 -12.62
CA TPO A 467 -15.90 16.05 -11.41
CB TPO A 467 -15.23 15.37 -10.21
CG2 TPO A 467 -15.04 16.36 -9.06
OG1 TPO A 467 -16.06 14.29 -9.76
P TPO A 467 -15.31 12.92 -10.15
O1P TPO A 467 -15.33 12.74 -11.74
O2P TPO A 467 -16.05 11.69 -9.45
O3P TPO A 467 -13.90 12.99 -9.68
C TPO A 467 -15.35 17.46 -11.61
O TPO A 467 -14.17 17.64 -11.90
N ALA A 468 -16.22 18.45 -11.46
CA ALA A 468 -15.84 19.84 -11.65
C ALA A 468 -15.73 20.57 -10.31
N SEP A 469 -15.94 21.88 -10.34
CA SEP A 469 -15.85 22.70 -9.15
CB SEP A 469 -14.39 23.06 -8.85
OG SEP A 469 -13.81 23.74 -9.95
C SEP A 469 -16.68 23.97 -9.28
O SEP A 469 -17.09 24.33 -10.38
P SEP A 469 -12.27 24.06 -9.66
O1P SEP A 469 -12.16 25.30 -8.62
O2P SEP A 469 -11.52 24.44 -11.03
O3P SEP A 469 -11.57 22.76 -9.00
N SEP A 470 -16.91 24.64 -8.16
CA SEP A 470 -17.67 25.89 -8.16
CB SEP A 470 -19.17 25.60 -8.15
OG SEP A 470 -19.92 26.80 -8.10
C SEP A 470 -17.30 26.78 -6.98
O SEP A 470 -16.87 26.29 -5.94
P SEP A 470 -21.34 26.61 -8.85
O1P SEP A 470 -22.24 27.92 -8.63
O2P SEP A 470 -22.09 25.33 -8.24
O3P SEP A 470 -21.08 26.40 -10.43
N SEP A 471 -17.47 28.08 -7.17
CA SEP A 471 -17.17 29.05 -6.11
CB SEP A 471 -17.16 30.46 -6.70
OG SEP A 471 -18.21 30.63 -7.63
C SEP A 471 -18.18 28.96 -4.97
O SEP A 471 -19.38 28.84 -5.20
P SEP A 471 -18.53 32.20 -7.84
O1P SEP A 471 -19.27 32.41 -9.25
O2P SEP A 471 -19.49 32.70 -6.64
O3P SEP A 471 -17.15 33.04 -7.82
N LEU A 472 -17.68 29.03 -3.74
CA LEU A 472 -18.52 28.96 -2.56
C LEU A 472 -18.49 30.27 -1.79
N ALA A 473 -19.66 30.71 -1.34
CA ALA A 473 -19.75 31.95 -0.57
C ALA A 473 -19.02 31.81 0.76
N LYS A 474 -18.33 32.87 1.16
CA LYS A 474 -17.59 32.88 2.42
C LYS A 474 -17.44 34.29 2.97
N THR B 6 -12.37 27.68 0.04
CA THR B 6 -13.61 28.22 -0.50
C THR B 6 -13.93 27.59 -1.86
N ARG B 7 -13.67 26.30 -1.98
CA ARG B 7 -13.93 25.57 -3.22
C ARG B 7 -14.62 24.26 -2.90
N VAL B 8 -15.61 23.89 -3.73
CA VAL B 8 -16.37 22.67 -3.55
C VAL B 8 -16.23 21.83 -4.81
N PHE B 9 -16.63 20.56 -4.70
CA PHE B 9 -16.54 19.60 -5.79
C PHE B 9 -17.94 19.17 -6.20
N LYS B 10 -18.18 19.15 -7.52
CA LYS B 10 -19.47 18.79 -8.07
C LYS B 10 -19.33 17.59 -9.00
N LYS B 11 -20.43 16.85 -9.16
CA LYS B 11 -20.50 15.77 -10.13
C LYS B 11 -21.93 15.75 -10.68
N ALA B 12 -22.10 16.28 -11.90
CA ALA B 12 -23.42 16.38 -12.49
C ALA B 12 -23.93 15.02 -12.94
N SER B 13 -25.24 14.83 -12.80
CA SER B 13 -25.88 13.63 -13.31
C SER B 13 -25.86 13.62 -14.84
N PRO B 14 -25.83 12.45 -15.46
CA PRO B 14 -25.85 12.40 -16.93
C PRO B 14 -27.06 13.08 -17.54
N ASN B 15 -28.23 13.01 -16.89
CA ASN B 15 -29.40 13.73 -17.36
C ASN B 15 -29.40 15.19 -16.94
N GLY B 16 -28.48 15.60 -16.06
CA GLY B 16 -28.40 16.98 -15.64
C GLY B 16 -29.40 17.39 -14.57
N LYS B 17 -30.06 16.45 -13.92
CA LYS B 17 -31.07 16.75 -12.92
C LYS B 17 -30.60 16.46 -11.50
N LEU B 18 -29.33 16.15 -11.30
CA LEU B 18 -28.82 15.84 -9.98
C LEU B 18 -27.35 16.22 -9.90
N THR B 19 -26.95 16.76 -8.75
CA THR B 19 -25.56 17.11 -8.48
C THR B 19 -25.34 17.10 -6.98
N VAL B 20 -24.21 16.52 -6.55
CA VAL B 20 -23.87 16.39 -5.14
C VAL B 20 -22.63 17.23 -4.87
N TYR B 21 -22.71 18.09 -3.86
CA TYR B 21 -21.61 18.97 -3.49
C TYR B 21 -20.84 18.37 -2.31
N LEU B 22 -19.53 18.26 -2.47
CA LEU B 22 -18.65 17.75 -1.42
C LEU B 22 -17.56 18.77 -1.14
N GLY B 23 -17.43 19.16 0.14
CA GLY B 23 -16.41 20.12 0.50
C GLY B 23 -15.01 19.57 0.33
N LYS B 24 -14.77 18.33 0.75
CA LYS B 24 -13.48 17.69 0.64
C LYS B 24 -13.66 16.25 0.21
N ARG B 25 -12.66 15.74 -0.51
CA ARG B 25 -12.70 14.37 -1.02
C ARG B 25 -12.01 13.38 -0.10
N ASP B 26 -11.41 13.84 1.00
CA ASP B 26 -10.74 12.98 1.95
C ASP B 26 -11.23 13.26 3.36
N PHE B 27 -11.21 12.23 4.20
CA PHE B 27 -11.65 12.35 5.59
C PHE B 27 -10.61 11.72 6.50
N VAL B 28 -10.27 12.43 7.57
CA VAL B 28 -9.24 11.96 8.49
C VAL B 28 -9.84 10.96 9.45
N ASP B 29 -9.17 9.81 9.60
CA ASP B 29 -9.59 8.75 10.51
C ASP B 29 -8.66 8.75 11.72
N HIS B 30 -9.22 8.91 12.91
CA HIS B 30 -8.46 8.90 14.15
C HIS B 30 -8.45 7.48 14.72
N ILE B 31 -7.99 7.34 15.96
CA ILE B 31 -7.96 6.04 16.62
C ILE B 31 -9.37 5.50 16.80
N ASP B 32 -10.29 6.35 17.26
CA ASP B 32 -11.66 5.92 17.49
C ASP B 32 -12.68 6.93 16.97
N LEU B 33 -12.26 7.94 16.21
CA LEU B 33 -13.15 8.96 15.69
C LEU B 33 -12.95 9.10 14.18
N VAL B 34 -14.05 9.24 13.45
CA VAL B 34 -14.03 9.40 12.00
C VAL B 34 -14.75 10.71 11.67
N GLU B 35 -14.13 11.52 10.83
CA GLU B 35 -14.72 12.80 10.45
C GLU B 35 -16.01 12.56 9.67
N PRO B 36 -17.12 13.20 10.07
CA PRO B 36 -18.38 12.96 9.36
C PRO B 36 -18.35 13.50 7.94
N VAL B 37 -19.14 12.86 7.08
CA VAL B 37 -19.24 13.26 5.68
C VAL B 37 -20.41 14.23 5.54
N ASP B 38 -20.13 15.41 5.01
CA ASP B 38 -21.13 16.46 4.84
C ASP B 38 -21.35 16.72 3.35
N GLY B 39 -22.24 17.66 3.06
CA GLY B 39 -22.57 18.04 1.71
C GLY B 39 -24.07 18.15 1.51
N VAL B 40 -24.43 18.67 0.32
CA VAL B 40 -25.82 18.88 -0.06
C VAL B 40 -26.05 18.30 -1.45
N VAL B 41 -27.32 18.04 -1.74
CA VAL B 41 -27.74 17.53 -3.04
C VAL B 41 -28.81 18.46 -3.59
N LEU B 42 -28.73 18.74 -4.89
CA LEU B 42 -29.65 19.68 -5.55
C LEU B 42 -30.52 18.92 -6.53
N VAL B 43 -31.83 19.12 -6.42
CA VAL B 43 -32.82 18.51 -7.31
C VAL B 43 -33.68 19.63 -7.90
N ASP B 44 -33.79 19.65 -9.23
CA ASP B 44 -34.55 20.69 -9.91
C ASP B 44 -36.05 20.45 -9.75
N PRO B 45 -36.85 21.52 -9.78
CA PRO B 45 -38.31 21.35 -9.77
C PRO B 45 -38.79 20.57 -10.97
N GLU B 46 -40.05 20.14 -10.90
CA GLU B 46 -40.71 19.32 -11.91
C GLU B 46 -39.99 17.99 -12.14
N TYR B 47 -39.20 17.57 -11.15
CA TYR B 47 -38.48 16.30 -11.21
C TYR B 47 -38.58 15.49 -9.93
N LEU B 48 -39.09 16.07 -8.84
CA LEU B 48 -39.20 15.39 -7.56
C LEU B 48 -40.55 14.69 -7.38
N LYS B 49 -41.18 14.27 -8.48
CA LYS B 49 -42.45 13.56 -8.38
C LYS B 49 -42.31 12.24 -7.62
N GLU B 50 -41.11 11.65 -7.61
CA GLU B 50 -40.89 10.44 -6.84
C GLU B 50 -40.99 10.68 -5.33
N ARG B 51 -40.77 11.93 -4.90
CA ARG B 51 -40.88 12.31 -3.49
C ARG B 51 -39.95 11.47 -2.61
N ARG B 52 -38.76 11.19 -3.11
CA ARG B 52 -37.77 10.42 -2.37
C ARG B 52 -36.39 10.66 -2.96
N VAL B 53 -35.47 11.16 -2.14
CA VAL B 53 -34.08 11.36 -2.53
C VAL B 53 -33.21 10.58 -1.56
N TYR B 54 -32.44 9.63 -2.08
CA TYR B 54 -31.61 8.76 -1.27
C TYR B 54 -30.14 8.96 -1.62
N VAL B 55 -29.34 9.25 -0.59
CA VAL B 55 -27.89 9.35 -0.72
C VAL B 55 -27.29 8.25 0.15
N THR B 56 -26.49 7.38 -0.47
CA THR B 56 -25.95 6.21 0.21
C THR B 56 -24.44 6.23 0.16
N LEU B 57 -23.82 5.96 1.30
CA LEU B 57 -22.37 5.80 1.41
C LEU B 57 -22.08 4.33 1.68
N THR B 58 -21.32 3.70 0.78
CA THR B 58 -21.02 2.28 0.89
C THR B 58 -19.54 2.03 0.63
N ALA B 59 -19.01 1.02 1.30
CA ALA B 59 -17.64 0.56 1.10
C ALA B 59 -17.68 -0.89 0.66
N ALA B 60 -17.00 -1.19 -0.46
CA ALA B 60 -17.02 -2.52 -1.02
C ALA B 60 -15.60 -2.97 -1.34
N PHE B 61 -15.39 -4.29 -1.28
CA PHE B 61 -14.11 -4.90 -1.59
C PHE B 61 -14.15 -5.44 -3.01
N ARG B 62 -13.43 -4.80 -3.92
CA ARG B 62 -13.38 -5.23 -5.31
C ARG B 62 -12.34 -6.34 -5.45
N TYR B 63 -12.76 -7.48 -5.98
CA TYR B 63 -11.87 -8.61 -6.21
C TYR B 63 -12.09 -9.16 -7.61
N GLY B 64 -11.04 -9.74 -8.17
CA GLY B 64 -11.12 -10.31 -9.51
C GLY B 64 -10.94 -9.28 -10.61
N THR B 74 -15.98 -10.32 -11.83
CA THR B 74 -15.74 -9.60 -10.59
C THR B 74 -17.03 -9.37 -9.82
N PHE B 75 -16.90 -9.02 -8.54
CA PHE B 75 -18.05 -8.76 -7.70
C PHE B 75 -17.66 -7.75 -6.62
N ARG B 76 -18.67 -7.18 -5.97
CA ARG B 76 -18.49 -6.19 -4.93
C ARG B 76 -19.01 -6.75 -3.61
N LYS B 77 -18.11 -6.83 -2.62
CA LYS B 77 -18.47 -7.30 -1.28
C LYS B 77 -18.63 -6.07 -0.39
N ASP B 78 -19.87 -5.68 -0.15
CA ASP B 78 -20.15 -4.45 0.61
C ASP B 78 -19.78 -4.66 2.08
N LEU B 79 -18.91 -3.80 2.59
CA LEU B 79 -18.50 -3.87 3.99
C LEU B 79 -19.50 -3.16 4.89
N PHE B 80 -19.69 -1.86 4.68
CA PHE B 80 -20.61 -1.04 5.46
C PHE B 80 -21.45 -0.21 4.52
N VAL B 81 -22.77 -0.19 4.76
CA VAL B 81 -23.72 0.51 3.92
C VAL B 81 -24.49 1.50 4.79
N ALA B 82 -24.55 2.75 4.36
CA ALA B 82 -25.26 3.80 5.07
C ALA B 82 -26.49 4.23 4.27
N ASN B 83 -27.58 4.51 4.97
CA ASN B 83 -28.85 4.90 4.36
C ASN B 83 -29.26 6.25 4.91
N VAL B 84 -29.21 7.28 4.07
CA VAL B 84 -29.63 8.64 4.42
C VAL B 84 -30.59 9.14 3.35
N GLN B 85 -31.76 9.61 3.77
CA GLN B 85 -32.79 10.09 2.86
C GLN B 85 -32.83 11.62 2.91
N SER B 86 -32.75 12.24 1.74
CA SER B 86 -32.82 13.70 1.59
C SER B 86 -34.17 14.15 1.06
N PHE B 87 -35.25 13.47 1.46
CA PHE B 87 -36.58 13.82 0.98
C PHE B 87 -37.00 15.19 1.50
N PRO B 88 -37.88 15.88 0.79
CA PRO B 88 -38.37 17.19 1.25
C PRO B 88 -38.99 17.13 2.64
N PRO B 89 -39.74 16.06 2.99
CA PRO B 89 -40.17 15.96 4.40
C PRO B 89 -39.00 15.85 5.37
N ALA B 90 -38.03 14.99 5.09
CA ALA B 90 -36.83 14.78 5.91
C ALA B 90 -37.21 14.51 7.36
N PRO B 91 -37.75 13.32 7.67
CA PRO B 91 -38.15 12.98 9.05
C PRO B 91 -36.97 12.97 10.02
N LYS B 94 -32.13 15.19 14.33
CA LYS B 94 -31.75 16.60 14.36
C LYS B 94 -30.78 16.92 13.25
N LYS B 95 -29.57 16.34 13.33
CA LYS B 95 -28.51 16.54 12.37
C LYS B 95 -28.21 18.03 12.18
N PRO B 96 -27.59 18.69 13.15
CA PRO B 96 -27.28 20.11 13.00
C PRO B 96 -26.40 20.37 11.79
N LEU B 97 -26.68 21.47 11.09
CA LEU B 97 -25.96 21.80 9.86
C LEU B 97 -24.57 22.33 10.18
N THR B 98 -23.57 21.78 9.50
CA THR B 98 -22.21 22.27 9.64
C THR B 98 -22.06 23.62 8.94
N ARG B 99 -21.02 24.36 9.34
CA ARG B 99 -20.79 25.67 8.73
C ARG B 99 -20.55 25.55 7.23
N LEU B 100 -19.76 24.56 6.82
CA LEU B 100 -19.57 24.31 5.39
C LEU B 100 -20.89 23.90 4.73
N GLN B 101 -21.67 23.06 5.41
CA GLN B 101 -22.96 22.63 4.87
C GLN B 101 -23.93 23.81 4.76
N GLU B 102 -23.94 24.68 5.77
CA GLU B 102 -24.85 25.82 5.75
C GLU B 102 -24.50 26.81 4.64
N ARG B 103 -23.20 26.98 4.36
CA ARG B 103 -22.78 27.91 3.31
C ARG B 103 -23.28 27.46 1.94
N LEU B 104 -23.26 26.15 1.68
CA LEU B 104 -23.73 25.65 0.39
C LEU B 104 -25.23 25.89 0.22
N ILE B 105 -26.00 25.71 1.29
CA ILE B 105 -27.45 25.88 1.21
C ILE B 105 -27.80 27.32 0.86
N LYS B 106 -27.13 28.28 1.49
CA LYS B 106 -27.44 29.69 1.25
C LYS B 106 -27.16 30.08 -0.21
N LYS B 107 -26.05 29.60 -0.76
CA LYS B 107 -25.70 29.94 -2.13
C LYS B 107 -26.66 29.32 -3.13
N LEU B 108 -26.94 28.02 -2.98
CA LEU B 108 -27.82 27.34 -3.92
C LEU B 108 -29.26 27.80 -3.79
N GLY B 109 -29.76 27.86 -2.55
CA GLY B 109 -31.12 28.29 -2.28
C GLY B 109 -31.82 27.28 -1.38
N GLU B 110 -33.15 27.34 -1.39
CA GLU B 110 -33.97 26.48 -0.55
C GLU B 110 -34.25 25.13 -1.17
N HIS B 111 -33.76 24.87 -2.38
CA HIS B 111 -33.98 23.60 -3.07
C HIS B 111 -32.89 22.58 -2.79
N ALA B 112 -31.92 22.91 -1.95
CA ALA B 112 -30.83 22.00 -1.60
C ALA B 112 -31.17 21.26 -0.32
N TYR B 113 -31.05 19.94 -0.36
CA TYR B 113 -31.35 19.10 0.79
C TYR B 113 -30.05 18.57 1.40
N PRO B 114 -29.64 19.05 2.57
CA PRO B 114 -28.38 18.59 3.16
C PRO B 114 -28.45 17.13 3.58
N PHE B 115 -27.31 16.46 3.53
CA PHE B 115 -27.17 15.09 3.99
C PHE B 115 -25.89 14.95 4.77
N THR B 116 -25.90 14.04 5.75
CA THR B 116 -24.75 13.80 6.61
C THR B 116 -24.55 12.31 6.79
N PHE B 117 -23.32 11.94 7.11
CA PHE B 117 -22.95 10.54 7.32
C PHE B 117 -22.11 10.42 8.57
N GLU B 118 -22.18 9.23 9.19
CA GLU B 118 -21.42 8.93 10.41
C GLU B 118 -20.75 7.57 10.21
N ILE B 119 -19.53 7.60 9.69
CA ILE B 119 -18.79 6.35 9.46
C ILE B 119 -18.37 5.76 10.80
N PRO B 120 -18.68 4.50 11.09
CA PRO B 120 -18.28 3.91 12.36
C PRO B 120 -16.76 3.82 12.46
N PRO B 121 -16.21 3.89 13.67
CA PRO B 121 -14.75 3.80 13.81
C PRO B 121 -14.26 2.38 13.60
N ASN B 122 -12.93 2.24 13.58
CA ASN B 122 -12.25 0.96 13.39
C ASN B 122 -12.68 0.31 12.06
N LEU B 123 -12.38 1.01 10.98
CA LEU B 123 -12.69 0.56 9.63
C LEU B 123 -11.45 0.65 8.76
N PRO B 124 -11.32 -0.23 7.75
CA PRO B 124 -10.15 -0.21 6.89
C PRO B 124 -10.07 1.06 6.07
N SER B 125 -8.85 1.49 5.77
CA SER B 125 -8.62 2.67 4.96
C SER B 125 -8.72 2.33 3.48
N SER B 126 -8.76 3.38 2.64
CA SER B 126 -8.86 3.21 1.20
C SER B 126 -7.50 2.78 0.67
N VAL B 127 -7.36 1.49 0.38
CA VAL B 127 -6.14 0.92 -0.15
C VAL B 127 -6.49 0.06 -1.37
N THR B 128 -5.72 0.22 -2.44
CA THR B 128 -5.94 -0.51 -3.68
C THR B 128 -4.68 -1.28 -4.05
N LEU B 129 -4.84 -2.57 -4.34
CA LEU B 129 -3.70 -3.40 -4.72
C LEU B 129 -3.19 -3.01 -6.10
N GLN B 130 -1.87 -2.98 -6.26
CA GLN B 130 -1.28 -2.60 -7.52
C GLN B 130 -1.46 -3.71 -8.54
N PRO B 131 -2.02 -3.44 -9.72
CA PRO B 131 -2.14 -4.47 -10.74
C PRO B 131 -0.78 -4.86 -11.30
N GLY B 132 -0.69 -6.12 -11.73
CA GLY B 132 0.54 -6.63 -12.29
C GLY B 132 0.69 -6.31 -13.76
N PRO B 133 1.69 -6.91 -14.42
CA PRO B 133 1.85 -6.68 -15.87
C PRO B 133 0.62 -7.08 -16.67
N GLU B 134 -0.06 -8.15 -16.27
CA GLU B 134 -1.30 -8.58 -16.91
C GLU B 134 -2.44 -7.77 -16.30
N ASP B 135 -2.71 -6.61 -16.89
CA ASP B 135 -3.75 -5.73 -16.37
C ASP B 135 -5.13 -6.36 -16.50
N THR B 136 -5.96 -6.16 -15.47
CA THR B 136 -7.31 -6.70 -15.44
C THR B 136 -8.38 -5.62 -15.53
N GLY B 137 -8.00 -4.36 -15.74
CA GLY B 137 -8.98 -3.29 -15.80
C GLY B 137 -9.20 -2.60 -14.47
N LYS B 138 -10.27 -2.98 -13.78
CA LYS B 138 -10.57 -2.39 -12.47
C LYS B 138 -9.50 -2.76 -11.46
N ALA B 139 -9.17 -1.81 -10.59
CA ALA B 139 -8.15 -2.00 -9.57
C ALA B 139 -8.76 -2.65 -8.34
N ILE B 140 -8.16 -3.75 -7.89
CA ILE B 140 -8.65 -4.47 -6.73
C ILE B 140 -8.22 -3.75 -5.46
N GLY B 141 -9.17 -3.52 -4.56
CA GLY B 141 -8.87 -2.86 -3.31
C GLY B 141 -10.13 -2.36 -2.65
N VAL B 142 -9.96 -1.87 -1.42
CA VAL B 142 -11.07 -1.33 -0.64
C VAL B 142 -11.32 0.09 -1.07
N ASP B 143 -12.54 0.37 -1.55
CA ASP B 143 -12.92 1.69 -2.04
C ASP B 143 -14.19 2.16 -1.37
N TYR B 144 -14.23 3.44 -1.02
CA TYR B 144 -15.41 4.08 -0.47
C TYR B 144 -16.06 4.92 -1.56
N GLU B 145 -17.38 4.78 -1.69
CA GLU B 145 -18.12 5.48 -2.74
C GLU B 145 -19.38 6.12 -2.16
N VAL B 146 -19.70 7.31 -2.65
CA VAL B 146 -20.91 8.02 -2.27
C VAL B 146 -21.74 8.22 -3.54
N LYS B 147 -22.98 7.72 -3.52
CA LYS B 147 -23.87 7.80 -4.66
C LYS B 147 -25.23 8.32 -4.24
N ALA B 148 -25.86 9.05 -5.14
CA ALA B 148 -27.19 9.62 -4.90
C ALA B 148 -28.09 9.30 -6.08
N PHE B 149 -29.33 8.94 -5.80
CA PHE B 149 -30.28 8.58 -6.83
C PHE B 149 -31.69 8.92 -6.36
N VAL B 150 -32.61 9.02 -7.32
CA VAL B 150 -34.01 9.32 -7.06
C VAL B 150 -34.85 8.17 -7.59
N ALA B 151 -35.77 7.67 -6.76
CA ALA B 151 -36.64 6.57 -7.15
C ALA B 151 -37.87 6.58 -6.27
N GLU B 152 -38.93 5.91 -6.74
CA GLU B 152 -40.15 5.82 -5.97
C GLU B 152 -39.94 5.03 -4.68
N ASN B 153 -39.18 3.94 -4.74
CA ASN B 153 -38.94 3.10 -3.58
C ASN B 153 -37.49 2.64 -3.59
N LEU B 154 -37.02 2.20 -2.42
CA LEU B 154 -35.65 1.71 -2.30
C LEU B 154 -35.42 0.47 -3.15
N GLU B 155 -36.41 -0.44 -3.17
CA GLU B 155 -36.27 -1.67 -3.93
C GLU B 155 -36.24 -1.43 -5.44
N GLU B 156 -36.69 -0.27 -5.90
CA GLU B 156 -36.67 0.03 -7.32
C GLU B 156 -35.23 0.17 -7.82
N LYS B 157 -34.99 -0.34 -9.03
CA LYS B 157 -33.66 -0.28 -9.62
C LYS B 157 -33.28 1.17 -9.95
N ILE B 158 -31.99 1.46 -9.82
CA ILE B 158 -31.45 2.79 -10.08
C ILE B 158 -30.55 2.70 -11.30
N HIS B 159 -30.80 3.55 -12.28
CA HIS B 159 -30.02 3.58 -13.51
C HIS B 159 -28.81 4.49 -13.34
N LYS B 160 -27.72 4.14 -14.02
CA LYS B 160 -26.50 4.93 -13.94
C LYS B 160 -26.71 6.32 -14.53
N ARG B 161 -27.51 6.41 -15.60
CA ARG B 161 -27.80 7.70 -16.22
C ARG B 161 -28.59 8.62 -15.30
N ASN B 162 -29.29 8.08 -14.31
CA ASN B 162 -30.11 8.86 -13.39
C ASN B 162 -29.50 8.89 -11.98
N SER B 163 -28.18 8.77 -11.88
CA SER B 163 -27.52 8.78 -10.58
C SER B 163 -26.08 9.20 -10.77
N VAL B 164 -25.45 9.61 -9.66
CA VAL B 164 -24.05 10.00 -9.64
C VAL B 164 -23.27 9.01 -8.79
N ARG B 165 -21.97 8.94 -9.05
CA ARG B 165 -21.07 8.02 -8.35
C ARG B 165 -19.81 8.78 -7.96
N LEU B 166 -19.83 9.38 -6.77
CA LEU B 166 -18.69 10.12 -6.24
C LEU B 166 -17.87 9.20 -5.33
N VAL B 167 -16.56 9.17 -5.56
CA VAL B 167 -15.66 8.29 -4.81
C VAL B 167 -14.91 9.13 -3.78
N ILE B 168 -14.84 8.63 -2.54
CA ILE B 168 -14.12 9.28 -1.46
C ILE B 168 -13.17 8.26 -0.85
N GLU B 169 -12.14 8.77 -0.17
CA GLU B 169 -11.12 7.93 0.44
C GLU B 169 -10.94 8.31 1.90
N LYS B 170 -10.82 7.29 2.74
CA LYS B 170 -10.52 7.47 4.17
C LYS B 170 -9.04 7.20 4.39
N VAL B 171 -8.34 8.17 4.95
CA VAL B 171 -6.89 8.10 5.11
C VAL B 171 -6.52 8.42 6.55
N GLN B 172 -5.32 8.01 6.94
CA GLN B 172 -4.80 8.24 8.28
C GLN B 172 -3.43 8.90 8.16
N TYR B 173 -3.10 9.70 9.18
CA TYR B 173 -1.85 10.44 9.20
C TYR B 173 -1.07 10.11 10.47
N ALA B 174 0.23 10.35 10.42
CA ALA B 174 1.10 10.01 11.53
C ALA B 174 0.73 10.83 12.77
N PRO B 175 0.74 10.23 13.95
CA PRO B 175 0.43 11.00 15.17
C PRO B 175 1.50 12.03 15.47
N GLU B 176 1.09 13.10 16.15
CA GLU B 176 1.99 14.19 16.48
C GLU B 176 3.05 13.77 17.50
N ARG B 177 2.81 12.71 18.27
CA ARG B 177 3.76 12.25 19.28
C ARG B 177 4.44 10.97 18.81
N PRO B 178 5.71 11.02 18.43
CA PRO B 178 6.40 9.80 18.02
C PRO B 178 6.54 8.81 19.16
N GLY B 179 6.52 7.53 18.81
CA GLY B 179 6.67 6.47 19.79
C GLY B 179 8.12 6.12 20.04
N PRO B 180 8.35 5.12 20.89
CA PRO B 180 9.73 4.70 21.17
C PRO B 180 10.37 4.08 19.94
N GLN B 181 11.70 4.21 19.87
CA GLN B 181 12.44 3.66 18.74
C GLN B 181 12.40 2.14 18.77
N PRO B 182 12.35 1.48 17.62
CA PRO B 182 12.34 0.02 17.60
C PRO B 182 13.67 -0.55 18.08
N THR B 183 13.59 -1.70 18.74
CA THR B 183 14.78 -2.38 19.25
C THR B 183 14.42 -3.83 19.56
N ALA B 184 15.27 -4.75 19.14
CA ALA B 184 15.07 -6.16 19.41
C ALA B 184 16.41 -6.88 19.39
N GLU B 185 16.49 -8.00 20.10
CA GLU B 185 17.71 -8.79 20.17
C GLU B 185 17.38 -10.27 20.05
N THR B 186 18.30 -11.02 19.45
CA THR B 186 18.13 -12.46 19.29
C THR B 186 19.49 -13.13 19.39
N THR B 187 19.46 -14.42 19.71
CA THR B 187 20.68 -15.21 19.86
C THR B 187 20.40 -16.64 19.43
N ARG B 188 21.22 -17.17 18.53
CA ARG B 188 21.05 -18.53 18.02
C ARG B 188 22.36 -19.29 18.14
N GLN B 189 22.30 -20.49 18.72
CA GLN B 189 23.44 -21.39 18.81
C GLN B 189 23.04 -22.75 18.27
N PHE B 190 23.93 -23.36 17.49
CA PHE B 190 23.63 -24.61 16.80
C PHE B 190 24.73 -25.63 17.09
N LEU B 191 24.39 -26.67 17.85
CA LEU B 191 25.15 -27.91 18.03
C LEU B 191 26.58 -27.68 18.52
N MET B 192 26.93 -26.46 18.92
CA MET B 192 28.31 -26.20 19.34
C MET B 192 28.34 -25.58 20.73
N SER B 193 27.30 -24.83 21.09
CA SER B 193 27.08 -24.31 22.44
C SER B 193 28.14 -23.32 22.90
N ASP B 194 27.78 -22.44 23.83
CA ASP B 194 28.65 -21.40 24.37
C ASP B 194 29.06 -20.40 23.29
N LYS B 195 29.64 -19.27 23.71
CA LYS B 195 30.03 -18.18 22.82
C LYS B 195 28.83 -17.76 21.97
N PRO B 196 27.82 -17.12 22.57
CA PRO B 196 26.62 -16.79 21.80
C PRO B 196 26.91 -15.80 20.68
N LEU B 197 26.13 -15.94 19.59
CA LEU B 197 26.24 -15.04 18.44
C LEU B 197 25.34 -13.86 18.69
N HIS B 198 25.92 -12.80 19.27
CA HIS B 198 25.16 -11.60 19.59
C HIS B 198 24.74 -10.88 18.31
N LEU B 199 23.49 -10.42 18.29
CA LEU B 199 22.95 -9.71 17.12
C LEU B 199 21.83 -8.80 17.60
N GLU B 200 21.94 -7.51 17.29
CA GLU B 200 20.92 -6.54 17.65
C GLU B 200 20.96 -5.38 16.66
N ALA B 201 19.79 -4.78 16.44
CA ALA B 201 19.68 -3.65 15.53
C ALA B 201 18.61 -2.70 16.06
N SER B 202 18.70 -1.44 15.64
CA SER B 202 17.78 -0.42 16.08
C SER B 202 17.57 0.60 14.97
N LEU B 203 16.45 1.32 15.06
CA LEU B 203 16.09 2.35 14.11
C LEU B 203 16.08 3.71 14.79
N ASP B 204 16.29 4.76 13.99
CA ASP B 204 16.34 6.12 14.54
C ASP B 204 15.01 6.51 15.17
N LYS B 205 13.90 6.19 14.51
CA LYS B 205 12.58 6.51 15.03
C LYS B 205 11.57 5.51 14.50
N GLU B 206 10.46 5.37 15.22
CA GLU B 206 9.43 4.44 14.81
C GLU B 206 8.64 4.96 13.63
N ILE B 207 8.36 6.27 13.60
CA ILE B 207 7.55 6.88 12.56
C ILE B 207 8.47 7.51 11.53
N TYR B 208 8.31 7.13 10.27
CA TYR B 208 9.08 7.67 9.16
C TYR B 208 8.14 8.31 8.15
N TYR B 209 8.47 9.51 7.70
CA TYR B 209 7.67 10.17 6.68
C TYR B 209 7.89 9.50 5.32
N HIS B 210 6.92 9.70 4.44
CA HIS B 210 6.99 9.11 3.10
C HIS B 210 8.15 9.72 2.32
N GLY B 211 9.00 8.86 1.75
CA GLY B 211 10.16 9.30 1.02
C GLY B 211 11.39 9.56 1.86
N GLU B 212 11.24 9.64 3.18
CA GLU B 212 12.38 9.88 4.05
C GLU B 212 13.25 8.63 4.14
N PRO B 213 14.56 8.79 4.28
CA PRO B 213 15.44 7.63 4.36
C PRO B 213 15.23 6.83 5.64
N ILE B 214 15.49 5.54 5.56
CA ILE B 214 15.43 4.64 6.70
C ILE B 214 16.86 4.22 7.02
N SER B 215 17.35 4.63 8.18
CA SER B 215 18.71 4.32 8.62
C SER B 215 18.63 3.35 9.80
N VAL B 216 19.34 2.23 9.69
CA VAL B 216 19.35 1.20 10.71
C VAL B 216 20.79 0.97 11.14
N ASN B 217 21.03 0.91 12.45
CA ASN B 217 22.34 0.65 13.01
C ASN B 217 22.37 -0.80 13.49
N VAL B 218 23.35 -1.56 13.01
CA VAL B 218 23.50 -2.98 13.33
C VAL B 218 24.82 -3.19 14.02
N HIS B 219 24.81 -3.96 15.11
CA HIS B 219 26.00 -4.28 15.88
C HIS B 219 26.09 -5.81 15.98
N VAL B 220 27.03 -6.40 15.24
CA VAL B 220 27.19 -7.84 15.17
C VAL B 220 28.59 -8.20 15.61
N THR B 221 28.70 -9.11 16.58
CA THR B 221 29.97 -9.68 17.00
C THR B 221 29.86 -11.20 16.95
N ASN B 222 30.91 -11.86 16.47
CA ASN B 222 30.91 -13.30 16.27
C ASN B 222 32.16 -13.89 16.91
N ASN B 223 32.01 -14.44 18.11
CA ASN B 223 33.10 -15.11 18.80
C ASN B 223 33.20 -16.58 18.45
N THR B 224 32.26 -17.11 17.68
CA THR B 224 32.28 -18.51 17.29
C THR B 224 33.28 -18.74 16.16
N ASN B 225 33.60 -20.02 15.93
CA ASN B 225 34.55 -20.36 14.88
C ASN B 225 33.98 -20.07 13.50
N LYS B 226 32.69 -20.29 13.31
CA LYS B 226 32.07 -20.09 12.01
C LYS B 226 32.08 -18.61 11.64
N THR B 227 32.37 -18.34 10.37
CA THR B 227 32.43 -16.98 9.86
C THR B 227 31.03 -16.49 9.49
N VAL B 228 30.94 -15.22 9.09
CA VAL B 228 29.68 -14.61 8.70
C VAL B 228 29.81 -14.12 7.26
N LYS B 229 28.85 -14.50 6.43
CA LYS B 229 28.85 -14.12 5.02
C LYS B 229 28.21 -12.73 4.87
N LYS B 230 27.89 -12.36 3.64
CA LYS B 230 27.32 -11.05 3.36
C LYS B 230 25.99 -10.85 4.10
N ILE B 231 25.77 -9.63 4.55
CA ILE B 231 24.57 -9.29 5.32
C ILE B 231 23.48 -8.83 4.36
N LYS B 232 22.28 -9.35 4.55
CA LYS B 232 21.13 -9.02 3.71
C LYS B 232 20.23 -8.04 4.45
N ILE B 233 19.89 -6.93 3.80
CA ILE B 233 19.03 -5.90 4.35
C ILE B 233 17.81 -5.77 3.43
N SER B 234 16.63 -5.83 4.02
CA SER B 234 15.40 -5.72 3.24
C SER B 234 14.31 -5.09 4.09
N VAL B 235 13.36 -4.44 3.42
CA VAL B 235 12.17 -3.87 4.06
C VAL B 235 10.96 -4.60 3.48
N ARG B 236 10.15 -5.19 4.36
CA ARG B 236 9.03 -6.01 3.95
C ARG B 236 7.72 -5.33 4.33
N GLN B 237 6.78 -5.30 3.40
CA GLN B 237 5.45 -4.73 3.61
C GLN B 237 4.45 -5.87 3.71
N TYR B 238 3.66 -5.88 4.77
CA TYR B 238 2.69 -6.94 5.03
C TYR B 238 1.29 -6.44 4.70
N ALA B 239 0.58 -7.20 3.86
CA ALA B 239 -0.79 -6.88 3.47
C ALA B 239 -1.69 -8.01 3.97
N ASP B 240 -2.47 -7.72 5.02
CA ASP B 240 -3.39 -8.71 5.60
C ASP B 240 -4.70 -8.70 4.81
N ILE B 241 -4.63 -9.20 3.58
CA ILE B 241 -5.78 -9.23 2.68
C ILE B 241 -6.66 -10.41 3.09
N VAL B 242 -7.82 -10.13 3.67
CA VAL B 242 -8.79 -11.15 4.05
C VAL B 242 -10.17 -10.71 3.56
N LEU B 243 -10.77 -11.53 2.70
CA LEU B 243 -12.12 -11.24 2.20
C LEU B 243 -13.00 -12.47 2.36
N PHE B 244 -12.42 -13.66 2.21
CA PHE B 244 -12.98 -14.92 2.70
C PHE B 244 -12.20 -15.49 3.87
N ASN B 245 -10.89 -15.68 3.70
CA ASN B 245 -10.04 -16.22 4.75
C ASN B 245 -8.79 -15.38 4.88
N THR B 246 -8.19 -15.40 6.08
CA THR B 246 -6.99 -14.63 6.34
C THR B 246 -5.83 -15.16 5.52
N ALA B 247 -5.09 -14.24 4.91
CA ALA B 247 -3.94 -14.60 4.07
C ALA B 247 -2.96 -13.43 4.09
N GLN B 248 -1.89 -13.56 4.85
CA GLN B 248 -0.87 -12.51 4.94
C GLN B 248 0.04 -12.57 3.72
N TYR B 249 0.39 -11.40 3.20
CA TYR B 249 1.25 -11.29 2.03
C TYR B 249 2.53 -10.56 2.40
N LYS B 250 3.63 -10.92 1.72
CA LYS B 250 4.95 -10.35 1.99
C LYS B 250 5.52 -9.81 0.70
N VAL B 251 5.96 -8.55 0.74
CA VAL B 251 6.56 -7.91 -0.44
C VAL B 251 7.81 -7.15 -0.02
N PRO B 252 8.98 -7.45 -0.62
CA PRO B 252 10.22 -6.70 -0.33
C PRO B 252 10.29 -5.38 -1.10
N VAL B 253 9.67 -4.34 -0.53
CA VAL B 253 9.60 -3.06 -1.20
C VAL B 253 10.99 -2.44 -1.35
N ALA B 254 11.84 -2.64 -0.35
CA ALA B 254 13.20 -2.12 -0.38
C ALA B 254 14.18 -3.26 -0.13
N MET B 255 15.28 -3.26 -0.87
CA MET B 255 16.26 -4.34 -0.77
C MET B 255 17.62 -3.79 -1.16
N GLU B 256 18.61 -4.02 -0.30
CA GLU B 256 20.00 -3.66 -0.59
C GLU B 256 20.91 -4.59 0.19
N GLU B 257 22.05 -4.92 -0.40
CA GLU B 257 22.98 -5.87 0.18
C GLU B 257 24.39 -5.33 0.16
N ALA B 258 25.20 -5.77 1.12
CA ALA B 258 26.60 -5.41 1.22
C ALA B 258 27.42 -6.68 1.44
N ASP B 259 28.64 -6.69 0.89
CA ASP B 259 29.51 -7.85 0.96
C ASP B 259 30.39 -7.83 2.20
N ASP B 260 30.01 -7.08 3.23
CA ASP B 260 30.79 -7.05 4.46
C ASP B 260 30.75 -8.39 5.17
N THR B 261 31.89 -8.83 5.68
CA THR B 261 32.02 -10.09 6.39
C THR B 261 32.55 -9.83 7.80
N VAL B 262 32.10 -10.67 8.74
CA VAL B 262 32.48 -10.55 10.13
C VAL B 262 33.44 -11.69 10.45
N ALA B 263 34.69 -11.34 10.78
CA ALA B 263 35.67 -12.34 11.15
C ALA B 263 35.37 -12.90 12.53
N PRO B 264 35.80 -14.14 12.81
CA PRO B 264 35.60 -14.68 14.16
C PRO B 264 36.32 -13.86 15.21
N SER B 265 35.69 -13.75 16.38
CA SER B 265 36.23 -12.99 17.51
C SER B 265 36.50 -11.53 17.13
N SER B 266 35.52 -10.93 16.46
CA SER B 266 35.61 -9.54 16.04
C SER B 266 34.24 -8.89 16.17
N THR B 267 34.23 -7.56 16.25
CA THR B 267 33.02 -6.77 16.37
C THR B 267 32.80 -5.95 15.11
N PHE B 268 31.56 -5.91 14.64
CA PHE B 268 31.19 -5.18 13.44
C PHE B 268 30.05 -4.22 13.76
N SER B 269 30.15 -3.01 13.19
CA SER B 269 29.14 -1.98 13.40
C SER B 269 29.08 -1.10 12.16
N LYS B 270 27.89 -0.98 11.57
CA LYS B 270 27.70 -0.18 10.38
C LYS B 270 26.25 0.29 10.32
N VAL B 271 26.02 1.32 9.50
CA VAL B 271 24.71 1.90 9.31
C VAL B 271 24.33 1.76 7.84
N TYR B 272 23.10 1.30 7.59
CA TYR B 272 22.60 1.10 6.23
C TYR B 272 21.41 2.03 6.00
N THR B 273 21.41 2.71 4.85
CA THR B 273 20.35 3.64 4.49
C THR B 273 19.37 2.95 3.54
N LEU B 274 18.08 3.09 3.85
CA LEU B 274 17.02 2.48 3.06
C LEU B 274 16.01 3.53 2.66
N THR B 275 15.38 3.32 1.50
CA THR B 275 14.37 4.23 0.99
C THR B 275 13.28 3.44 0.26
N PRO B 276 12.05 3.44 0.77
CA PRO B 276 10.96 2.73 0.08
C PRO B 276 10.34 3.61 -1.00
N PHE B 277 10.38 3.12 -2.24
CA PHE B 277 9.77 3.83 -3.36
C PHE B 277 9.35 2.82 -4.41
N LEU B 278 8.39 3.22 -5.25
CA LEU B 278 7.80 2.34 -6.23
C LEU B 278 8.35 2.56 -7.64
N ALA B 279 9.44 3.31 -7.79
CA ALA B 279 10.01 3.52 -9.12
C ALA B 279 10.48 2.21 -9.74
N ASN B 280 11.13 1.35 -8.95
CA ASN B 280 11.54 0.03 -9.41
C ASN B 280 10.58 -1.06 -8.96
N ASN B 281 9.51 -0.72 -8.25
CA ASN B 281 8.52 -1.68 -7.78
C ASN B 281 7.29 -1.72 -8.66
N ARG B 282 7.31 -1.07 -9.82
CA ARG B 282 6.15 -1.06 -10.71
C ARG B 282 5.86 -2.43 -11.29
N GLU B 283 6.84 -3.33 -11.33
CA GLU B 283 6.65 -4.67 -11.86
C GLU B 283 6.36 -5.70 -10.78
N LYS B 284 6.22 -5.29 -9.53
CA LYS B 284 5.96 -6.20 -8.42
C LYS B 284 4.45 -6.32 -8.23
N ARG B 285 3.89 -7.45 -8.65
CA ARG B 285 2.47 -7.69 -8.49
C ARG B 285 2.12 -7.94 -7.02
N GLY B 286 0.91 -7.50 -6.63
CA GLY B 286 0.44 -7.69 -5.28
C GLY B 286 0.74 -6.56 -4.32
N LEU B 287 1.46 -5.53 -4.76
CA LEU B 287 1.76 -4.39 -3.89
C LEU B 287 0.49 -3.62 -3.57
N ALA B 288 0.44 -3.09 -2.35
CA ALA B 288 -0.71 -2.33 -1.87
C ALA B 288 -0.43 -0.84 -2.05
N LEU B 289 -1.38 -0.13 -2.67
CA LEU B 289 -1.26 1.29 -2.92
C LEU B 289 -2.51 2.01 -2.40
N ASP B 290 -2.36 3.31 -2.17
CA ASP B 290 -3.44 4.11 -1.61
C ASP B 290 -4.59 4.21 -2.62
N GLY B 291 -5.67 4.86 -2.20
CA GLY B 291 -6.85 5.02 -3.02
C GLY B 291 -6.60 5.75 -4.32
N LYS B 292 -7.10 5.22 -5.42
CA LYS B 292 -6.96 5.80 -6.74
C LYS B 292 -8.30 6.34 -7.20
N LEU B 293 -8.33 7.62 -7.59
CA LEU B 293 -9.59 8.23 -8.01
C LEU B 293 -10.11 7.57 -9.28
N LYS B 294 -9.41 7.75 -10.40
CA LYS B 294 -9.71 7.00 -11.62
C LYS B 294 -8.49 6.23 -12.11
N HIS B 295 -7.36 6.88 -12.35
CA HIS B 295 -6.17 6.21 -12.85
C HIS B 295 -4.87 6.75 -12.29
N GLU B 296 -4.90 7.68 -11.35
CA GLU B 296 -3.67 8.28 -10.84
C GLU B 296 -2.87 7.27 -10.03
N ASP B 297 -1.58 7.57 -9.85
CA ASP B 297 -0.67 6.69 -9.13
C ASP B 297 -0.45 7.22 -7.72
N THR B 298 -0.58 6.34 -6.73
CA THR B 298 -0.35 6.67 -5.34
C THR B 298 1.05 6.20 -4.94
N ASN B 299 1.36 6.27 -3.65
CA ASN B 299 2.73 6.06 -3.16
C ASN B 299 2.74 5.21 -1.89
N LEU B 300 2.80 3.89 -2.07
CA LEU B 300 3.15 2.95 -0.99
C LEU B 300 2.25 3.16 0.24
N ALA B 301 0.98 2.80 0.06
CA ALA B 301 -0.07 3.00 1.05
C ALA B 301 0.43 2.81 2.48
N SER B 302 0.14 3.80 3.32
CA SER B 302 0.69 3.86 4.67
C SER B 302 0.07 2.79 5.56
N SER B 303 0.68 2.59 6.72
CA SER B 303 0.19 1.61 7.68
C SER B 303 -1.15 2.03 8.26
N THR B 304 -1.95 1.04 8.65
CA THR B 304 -3.27 1.27 9.20
C THR B 304 -3.21 1.15 10.72
N LEU B 305 -3.66 2.19 11.42
CA LEU B 305 -3.66 2.20 12.87
C LEU B 305 -4.79 1.32 13.41
N LEU B 306 -4.59 0.84 14.64
CA LEU B 306 -5.58 0.03 15.34
C LEU B 306 -5.77 0.59 16.74
N ARG B 307 -6.98 0.40 17.27
CA ARG B 307 -7.34 0.90 18.60
C ARG B 307 -6.86 -0.07 19.69
N GLU B 308 -5.54 -0.23 19.76
CA GLU B 308 -4.90 -1.10 20.74
C GLU B 308 -5.45 -2.50 20.69
N GLY B 309 -6.16 -2.91 21.74
CA GLY B 309 -6.75 -4.23 21.78
C GLY B 309 -8.05 -4.33 21.00
N ALA B 310 -7.94 -4.27 19.67
CA ALA B 310 -9.08 -4.33 18.78
C ALA B 310 -9.12 -5.67 18.08
N ASN B 311 -10.33 -6.09 17.71
CA ASN B 311 -10.51 -7.36 17.03
C ASN B 311 -9.86 -7.34 15.65
N ARG B 312 -9.21 -8.45 15.29
CA ARG B 312 -8.55 -8.59 14.01
C ARG B 312 -9.44 -9.20 12.94
N GLU B 313 -10.75 -9.15 13.12
CA GLU B 313 -11.70 -9.71 12.16
C GLU B 313 -12.15 -8.68 11.12
N ILE B 314 -11.34 -7.65 10.87
CA ILE B 314 -11.69 -6.64 9.89
C ILE B 314 -11.56 -7.25 8.49
N LEU B 315 -12.66 -7.22 7.73
CA LEU B 315 -12.68 -7.77 6.38
C LEU B 315 -12.15 -6.70 5.44
N GLY B 316 -10.83 -6.67 5.28
CA GLY B 316 -10.19 -5.69 4.43
C GLY B 316 -8.70 -5.87 4.45
N ILE B 317 -8.01 -5.02 3.69
CA ILE B 317 -6.56 -5.07 3.58
C ILE B 317 -5.95 -4.20 4.68
N ILE B 318 -5.08 -4.80 5.48
CA ILE B 318 -4.35 -4.10 6.54
C ILE B 318 -2.87 -4.09 6.16
N VAL B 319 -2.29 -2.89 6.13
CA VAL B 319 -0.92 -2.70 5.67
C VAL B 319 -0.03 -2.42 6.88
N SER B 320 1.06 -3.16 6.99
CA SER B 320 2.06 -2.94 8.04
C SER B 320 3.45 -3.10 7.43
N TYR B 321 4.38 -2.27 7.88
CA TYR B 321 5.74 -2.25 7.37
C TYR B 321 6.71 -2.72 8.44
N LYS B 322 7.68 -3.54 8.05
CA LYS B 322 8.68 -4.07 8.95
C LYS B 322 10.03 -4.10 8.26
N VAL B 323 11.09 -4.06 9.05
CA VAL B 323 12.47 -4.10 8.56
C VAL B 323 13.12 -5.38 9.08
N LYS B 324 13.67 -6.17 8.15
CA LYS B 324 14.31 -7.44 8.49
C LYS B 324 15.77 -7.40 8.09
N VAL B 325 16.64 -7.81 9.02
CA VAL B 325 18.07 -7.95 8.77
C VAL B 325 18.41 -9.44 8.82
N LYS B 326 19.11 -9.91 7.79
CA LYS B 326 19.46 -11.32 7.65
C LYS B 326 20.96 -11.48 7.50
N LEU B 327 21.54 -12.37 8.28
CA LEU B 327 22.95 -12.70 8.20
C LEU B 327 23.10 -14.20 8.01
N VAL B 328 23.84 -14.60 6.98
CA VAL B 328 24.05 -15.99 6.63
C VAL B 328 25.45 -16.40 7.03
N VAL B 329 25.57 -17.59 7.64
CA VAL B 329 26.86 -18.11 8.05
C VAL B 329 27.30 -19.18 7.06
N SER B 330 28.60 -19.44 7.04
CA SER B 330 29.18 -20.44 6.13
C SER B 330 29.16 -21.85 6.71
N ARG B 331 28.78 -22.00 7.98
CA ARG B 331 28.74 -23.31 8.64
C ARG B 331 30.09 -24.01 8.58
N GLY B 332 31.16 -23.25 8.78
CA GLY B 332 32.51 -23.79 8.74
C GLY B 332 33.21 -23.56 7.42
N ALA B 339 25.08 -25.70 2.24
CA ALA B 339 24.79 -25.71 3.67
C ALA B 339 25.08 -24.35 4.29
N SER B 340 24.03 -23.60 4.60
CA SER B 340 24.16 -22.28 5.20
C SER B 340 22.93 -21.98 6.04
N SER B 341 23.15 -21.44 7.23
CA SER B 341 22.08 -21.06 8.13
C SER B 341 22.04 -19.54 8.30
N ASP B 342 20.84 -19.02 8.53
CA ASP B 342 20.63 -17.58 8.65
C ASP B 342 19.98 -17.24 9.98
N VAL B 343 20.42 -16.14 10.58
CA VAL B 343 19.83 -15.61 11.80
C VAL B 343 19.25 -14.24 11.47
N ALA B 344 17.96 -14.07 11.73
CA ALA B 344 17.25 -12.84 11.36
C ALA B 344 16.43 -12.34 12.53
N VAL B 345 16.43 -11.02 12.72
CA VAL B 345 15.60 -10.34 13.70
C VAL B 345 14.87 -9.21 12.98
N GLU B 346 13.56 -9.12 13.22
CA GLU B 346 12.70 -8.19 12.49
C GLU B 346 12.35 -6.99 13.35
N LEU B 347 12.48 -5.80 12.78
CA LEU B 347 12.18 -4.55 13.49
C LEU B 347 10.99 -3.86 12.83
N PRO B 348 9.81 -3.87 13.44
CA PRO B 348 8.68 -3.14 12.85
C PRO B 348 8.88 -1.63 12.93
N PHE B 349 8.24 -0.93 11.99
CA PHE B 349 8.33 0.53 11.95
C PHE B 349 7.06 1.07 11.28
N THR B 350 6.85 2.36 11.45
CA THR B 350 5.67 3.04 10.96
C THR B 350 6.06 4.02 9.85
N LEU B 351 5.30 4.02 8.76
CA LEU B 351 5.54 4.90 7.62
C LEU B 351 4.20 5.50 7.20
N MET B 352 4.02 6.79 7.45
CA MET B 352 2.78 7.48 7.12
C MET B 352 3.08 8.88 6.60
N HIS B 353 2.10 9.44 5.89
CA HIS B 353 2.21 10.81 5.40
C HIS B 353 2.06 11.80 6.55
N PRO B 354 2.65 12.99 6.42
CA PRO B 354 2.48 14.01 7.46
C PRO B 354 1.10 14.66 7.39
N LYS B 355 0.86 15.65 8.24
CA LYS B 355 -0.44 16.31 8.28
C LYS B 355 -0.50 17.40 7.22
N PRO B 356 -1.42 17.32 6.25
CA PRO B 356 -1.53 18.38 5.25
C PRO B 356 -2.01 19.68 5.85
N LYS B 357 -1.53 20.79 5.29
CA LYS B 357 -1.96 22.10 5.76
C LYS B 357 -3.27 22.53 5.12
N GLU B 358 -3.26 22.72 3.79
CA GLU B 358 -4.45 23.18 3.09
C GLU B 358 -5.38 22.02 2.72
N GLU B 359 -4.91 21.10 1.87
CA GLU B 359 -5.71 19.98 1.38
C GLU B 359 -4.83 19.03 0.59
N PRO B 360 -5.14 17.73 0.59
CA PRO B 360 -4.35 16.78 -0.21
C PRO B 360 -4.75 16.83 -1.67
N PRO B 361 -3.79 17.09 -2.57
CA PRO B 361 -4.10 17.05 -4.00
C PRO B 361 -4.31 15.62 -4.48
N HIS B 362 -5.55 15.26 -4.78
CA HIS B 362 -5.90 13.89 -5.14
C HIS B 362 -5.70 13.63 -6.63
N ARG B 363 -4.51 13.96 -7.13
CA ARG B 363 -4.12 13.74 -8.52
C ARG B 363 -2.66 14.16 -8.65
N GLU B 364 -2.08 13.81 -9.80
CA GLU B 364 -0.72 14.25 -10.10
C GLU B 364 -0.74 15.76 -10.38
N VAL B 365 -0.03 16.52 -9.55
CA VAL B 365 -0.05 17.98 -9.69
C VAL B 365 0.48 18.43 -11.05
N PRO B 366 1.63 17.94 -11.55
CA PRO B 366 2.01 18.22 -12.94
C PRO B 366 1.30 17.26 -13.89
N GLU B 367 0.35 17.79 -14.66
CA GLU B 367 -0.44 16.98 -15.58
C GLU B 367 0.09 17.16 -16.99
N HIS B 368 0.42 16.05 -17.65
CA HIS B 368 0.94 16.08 -19.01
C HIS B 368 -0.16 15.77 -20.01
N VAL C 502 18.34 22.29 2.68
CA VAL C 502 17.70 23.59 2.65
C VAL C 502 18.52 24.55 1.80
N GLN C 503 19.79 24.21 1.59
CA GLN C 503 20.72 25.02 0.82
C GLN C 503 21.14 24.28 -0.43
N LEU C 504 21.02 24.94 -1.59
CA LEU C 504 21.42 24.38 -2.87
C LEU C 504 22.55 25.22 -3.45
N VAL C 505 23.63 24.56 -3.83
CA VAL C 505 24.82 25.23 -4.35
C VAL C 505 25.19 24.63 -5.70
N GLU C 506 25.56 25.49 -6.64
CA GLU C 506 25.96 25.06 -7.98
C GLU C 506 26.95 26.07 -8.53
N SER C 507 27.74 25.63 -9.53
CA SER C 507 28.75 26.47 -10.14
C SER C 507 28.41 26.82 -11.59
N GLY C 508 28.22 25.82 -12.44
CA GLY C 508 27.83 26.01 -13.82
C GLY C 508 28.55 27.11 -14.57
N GLY C 509 29.88 27.07 -14.58
CA GLY C 509 30.69 28.10 -15.20
C GLY C 509 31.42 27.60 -16.43
N GLY C 510 31.72 28.51 -17.34
CA GLY C 510 32.46 28.16 -18.54
C GLY C 510 31.86 28.75 -19.81
N LEU C 511 32.73 29.21 -20.71
CA LEU C 511 32.25 29.73 -21.99
C LEU C 511 31.66 28.63 -22.84
N VAL C 512 30.59 28.94 -23.56
CA VAL C 512 29.85 27.98 -24.35
C VAL C 512 29.85 28.41 -25.81
N GLN C 513 30.09 27.46 -26.70
CA GLN C 513 30.06 27.63 -28.14
C GLN C 513 28.92 26.82 -28.75
N PRO C 514 28.38 27.23 -29.90
CA PRO C 514 27.32 26.45 -30.54
C PRO C 514 27.78 25.03 -30.85
N GLY C 515 26.85 24.09 -30.72
CA GLY C 515 27.16 22.69 -30.91
C GLY C 515 28.10 22.12 -29.85
N GLY C 516 27.90 22.51 -28.59
CA GLY C 516 28.73 22.03 -27.52
C GLY C 516 27.94 21.39 -26.39
N SER C 517 28.58 21.17 -25.24
CA SER C 517 27.93 20.56 -24.10
C SER C 517 28.44 21.22 -22.82
N LEU C 518 27.62 21.13 -21.77
CA LEU C 518 27.97 21.69 -20.47
C LEU C 518 27.17 20.94 -19.41
N ARG C 519 27.88 20.41 -18.41
CA ARG C 519 27.26 19.64 -17.35
C ARG C 519 27.12 20.51 -16.10
N LEU C 520 25.91 20.57 -15.56
CA LEU C 520 25.63 21.34 -14.36
C LEU C 520 25.50 20.41 -13.16
N SER C 521 26.24 20.71 -12.11
CA SER C 521 26.19 19.96 -10.85
C SER C 521 25.55 20.83 -9.79
N CYS C 522 24.46 20.36 -9.20
CA CYS C 522 23.72 21.08 -8.18
C CYS C 522 23.67 20.21 -6.92
N ALA C 523 24.43 20.61 -5.90
CA ALA C 523 24.48 19.87 -4.66
C ALA C 523 23.28 20.24 -3.77
N ALA C 524 22.60 19.24 -3.25
CA ALA C 524 21.45 19.42 -2.38
C ALA C 524 21.79 18.91 -0.98
N SER C 525 21.55 19.74 0.03
CA SER C 525 21.82 19.39 1.41
C SER C 525 20.60 19.70 2.26
N GLY C 526 20.39 18.89 3.30
CA GLY C 526 19.25 19.04 4.17
C GLY C 526 18.00 18.32 3.72
N PHE C 527 18.00 17.75 2.51
CA PHE C 527 16.84 17.03 2.00
C PHE C 527 17.32 16.02 0.95
N ASN C 528 16.47 15.05 0.66
CA ASN C 528 16.76 13.99 -0.29
C ASN C 528 16.09 14.29 -1.63
N VAL C 529 16.17 13.33 -2.55
CA VAL C 529 15.66 13.53 -3.91
C VAL C 529 14.31 12.84 -4.05
N TYR C 530 14.13 11.71 -3.36
CA TYR C 530 12.90 10.95 -3.50
C TYR C 530 11.69 11.65 -2.88
N SER C 531 11.91 12.56 -1.94
CA SER C 531 10.83 13.33 -1.34
C SER C 531 10.85 14.80 -1.75
N SER C 532 11.61 15.13 -2.80
CA SER C 532 11.69 16.52 -3.26
C SER C 532 12.00 16.50 -4.75
N SER C 533 11.03 16.86 -5.57
CA SER C 533 11.24 16.92 -7.02
C SER C 533 12.08 18.13 -7.37
N ILE C 534 13.13 17.92 -8.17
CA ILE C 534 14.04 18.99 -8.55
C ILE C 534 13.61 19.55 -9.89
N HIS C 535 13.49 20.87 -9.97
CA HIS C 535 13.10 21.57 -11.18
C HIS C 535 14.18 22.57 -11.58
N TRP C 536 14.35 22.75 -12.89
CA TRP C 536 15.29 23.71 -13.43
C TRP C 536 14.53 24.82 -14.13
N VAL C 537 14.84 26.06 -13.77
CA VAL C 537 14.15 27.24 -14.30
C VAL C 537 15.17 28.10 -15.03
N ARG C 538 14.84 28.44 -16.27
CA ARG C 538 15.70 29.27 -17.11
C ARG C 538 15.11 30.67 -17.21
N GLN C 539 15.92 31.68 -16.94
CA GLN C 539 15.50 33.07 -17.01
C GLN C 539 16.45 33.84 -17.92
N ALA C 540 15.93 34.35 -19.03
CA ALA C 540 16.71 35.21 -19.89
C ALA C 540 17.02 36.53 -19.17
N PRO C 541 18.20 37.10 -19.42
CA PRO C 541 18.55 38.36 -18.75
C PRO C 541 17.63 39.50 -19.14
N GLY C 542 16.78 39.93 -18.20
CA GLY C 542 15.81 40.98 -18.45
C GLY C 542 14.44 40.51 -18.85
N LYS C 543 14.27 39.24 -19.18
CA LYS C 543 12.97 38.68 -19.52
C LYS C 543 12.42 37.86 -18.36
N GLY C 544 11.28 37.22 -18.59
CA GLY C 544 10.62 36.44 -17.57
C GLY C 544 11.22 35.07 -17.40
N LEU C 545 10.69 34.35 -16.40
CA LEU C 545 11.16 33.01 -16.07
C LEU C 545 10.60 31.98 -17.05
N GLU C 546 11.27 30.83 -17.11
CA GLU C 546 10.87 29.75 -17.99
C GLU C 546 11.33 28.42 -17.41
N TRP C 547 10.49 27.40 -17.51
CA TRP C 547 10.78 26.06 -17.03
C TRP C 547 11.25 25.19 -18.19
N VAL C 548 12.35 24.47 -17.97
CA VAL C 548 12.97 23.67 -19.02
C VAL C 548 12.87 22.17 -18.73
N ALA C 549 13.07 21.75 -17.48
CA ALA C 549 13.10 20.33 -17.17
C ALA C 549 12.68 20.11 -15.71
N SER C 550 12.30 18.88 -15.42
CA SER C 550 11.93 18.47 -14.07
C SER C 550 12.19 16.98 -13.92
N ILE C 551 12.59 16.57 -12.72
CA ILE C 551 12.91 15.18 -12.42
C ILE C 551 12.16 14.78 -11.16
N SER C 552 11.50 13.63 -11.20
CA SER C 552 10.80 13.05 -10.05
C SER C 552 11.32 11.63 -9.86
N SER C 553 12.31 11.48 -8.98
CA SER C 553 12.94 10.17 -8.79
C SER C 553 12.00 9.18 -8.12
N TYR C 554 11.07 9.65 -7.28
CA TYR C 554 10.17 8.75 -6.59
C TYR C 554 9.25 8.04 -7.57
N TYR C 555 8.63 8.79 -8.47
CA TYR C 555 7.73 8.21 -9.46
C TYR C 555 8.41 7.86 -10.76
N GLY C 556 9.68 8.23 -10.94
CA GLY C 556 10.39 7.93 -12.17
C GLY C 556 9.81 8.61 -13.40
N TYR C 557 9.41 9.87 -13.26
CA TYR C 557 8.84 10.64 -14.36
C TYR C 557 9.76 11.80 -14.72
N THR C 558 9.95 12.01 -16.02
CA THR C 558 10.76 13.09 -16.54
C THR C 558 9.93 13.94 -17.49
N TYR C 559 9.98 15.26 -17.30
CA TYR C 559 9.23 16.20 -18.11
C TYR C 559 10.17 17.22 -18.74
N TYR C 560 9.77 17.72 -19.90
CA TYR C 560 10.61 18.64 -20.68
C TYR C 560 9.73 19.71 -21.30
N ALA C 561 10.36 20.84 -21.61
CA ALA C 561 9.69 21.90 -22.35
C ALA C 561 9.58 21.52 -23.83
N ASP C 562 8.59 22.14 -24.50
CA ASP C 562 8.37 21.84 -25.91
C ASP C 562 9.55 22.25 -26.77
N SER C 563 10.15 23.41 -26.50
CA SER C 563 11.25 23.90 -27.31
C SER C 563 12.56 23.17 -27.06
N VAL C 564 12.71 22.57 -25.88
CA VAL C 564 13.94 21.88 -25.50
C VAL C 564 13.74 20.37 -25.39
N LYS C 565 12.63 19.86 -25.92
CA LYS C 565 12.34 18.43 -25.82
C LYS C 565 13.43 17.60 -26.49
N GLY C 566 13.93 16.60 -25.77
CA GLY C 566 14.94 15.71 -26.28
C GLY C 566 16.34 16.27 -26.34
N ARG C 567 16.51 17.59 -26.36
CA ARG C 567 17.83 18.17 -26.48
C ARG C 567 18.64 18.03 -25.18
N PHE C 568 17.97 18.16 -24.03
CA PHE C 568 18.63 18.14 -22.75
C PHE C 568 18.56 16.74 -22.12
N THR C 569 19.41 16.52 -21.11
CA THR C 569 19.43 15.28 -20.36
C THR C 569 19.55 15.62 -18.89
N ILE C 570 18.60 15.17 -18.09
CA ILE C 570 18.56 15.47 -16.66
C ILE C 570 18.55 14.15 -15.89
N SER C 571 19.42 14.05 -14.89
CA SER C 571 19.51 12.85 -14.07
C SER C 571 19.88 13.25 -12.64
N ALA C 572 19.56 12.37 -11.70
CA ALA C 572 19.82 12.59 -10.29
C ALA C 572 20.46 11.35 -9.69
N ASP C 573 21.24 11.56 -8.62
CA ASP C 573 21.92 10.48 -7.93
C ASP C 573 21.56 10.51 -6.45
N THR C 574 21.56 9.33 -5.84
CA THR C 574 21.18 9.19 -4.44
C THR C 574 22.37 9.22 -3.49
N SER C 575 23.54 8.74 -3.95
CA SER C 575 24.70 8.64 -3.06
C SER C 575 25.14 10.02 -2.56
N LYS C 576 25.18 11.00 -3.46
CA LYS C 576 25.59 12.36 -3.09
C LYS C 576 24.44 13.36 -3.11
N ASN C 577 23.24 12.94 -3.50
CA ASN C 577 22.05 13.80 -3.53
C ASN C 577 22.32 15.06 -4.38
N THR C 578 22.60 14.83 -5.66
CA THR C 578 22.92 15.90 -6.59
C THR C 578 22.08 15.73 -7.85
N ALA C 579 21.73 16.86 -8.46
CA ALA C 579 20.93 16.90 -9.68
C ALA C 579 21.80 17.38 -10.84
N TYR C 580 21.78 16.62 -11.93
CA TYR C 580 22.58 16.93 -13.11
C TYR C 580 21.68 17.33 -14.27
N LEU C 581 22.15 18.27 -15.09
CA LEU C 581 21.44 18.73 -16.28
C LEU C 581 22.44 18.75 -17.44
N GLN C 582 22.49 17.64 -18.20
CA GLN C 582 23.41 17.51 -19.33
C GLN C 582 22.73 18.07 -20.56
N MET C 583 23.17 19.25 -21.00
CA MET C 583 22.64 19.91 -22.17
C MET C 583 23.58 19.74 -23.35
N ASN C 584 23.02 19.38 -24.50
CA ASN C 584 23.80 19.11 -25.71
C ASN C 584 23.20 19.87 -26.88
N SER C 585 24.07 20.32 -27.80
CA SER C 585 23.68 20.99 -29.03
C SER C 585 22.81 22.22 -28.73
N LEU C 586 23.41 23.17 -28.01
CA LEU C 586 22.71 24.40 -27.67
C LEU C 586 22.61 25.32 -28.89
N ARG C 587 21.49 26.04 -28.97
CA ARG C 587 21.26 26.98 -30.06
C ARG C 587 21.71 28.38 -29.64
N ALA C 588 21.49 29.35 -30.53
CA ALA C 588 21.88 30.72 -30.25
C ALA C 588 21.00 31.33 -29.16
N GLU C 589 19.72 30.99 -29.15
CA GLU C 589 18.77 31.53 -28.16
C GLU C 589 18.79 30.70 -26.89
N ASP C 590 19.94 30.72 -26.21
CA ASP C 590 20.10 30.00 -24.95
C ASP C 590 20.87 30.78 -23.90
N THR C 591 21.22 32.03 -24.14
CA THR C 591 21.92 32.85 -23.14
C THR C 591 20.94 33.25 -22.05
N ALA C 592 21.10 32.65 -20.86
CA ALA C 592 20.18 32.89 -19.76
C ALA C 592 20.84 32.45 -18.47
N VAL C 593 20.10 32.54 -17.37
CA VAL C 593 20.55 32.12 -16.06
C VAL C 593 19.69 30.95 -15.60
N TYR C 594 20.34 29.87 -15.18
CA TYR C 594 19.64 28.65 -14.78
C TYR C 594 19.59 28.56 -13.27
N TYR C 595 18.40 28.30 -12.74
CA TYR C 595 18.17 28.17 -11.30
C TYR C 595 17.74 26.74 -10.99
N CYS C 596 18.36 26.16 -9.96
CA CYS C 596 18.03 24.81 -9.52
C CYS C 596 16.91 24.91 -8.49
N ALA C 597 15.67 24.98 -8.97
CA ALA C 597 14.52 25.07 -8.09
C ALA C 597 14.25 23.75 -7.40
N ARG C 598 13.62 23.82 -6.23
CA ARG C 598 13.26 22.64 -5.46
C ARG C 598 11.79 22.74 -5.05
N SER C 599 11.12 21.58 -5.03
CA SER C 599 9.73 21.51 -4.63
C SER C 599 9.55 20.26 -3.76
N ARG C 600 8.29 19.90 -3.50
CA ARG C 600 7.96 18.74 -2.70
C ARG C 600 7.41 17.65 -3.61
N GLN C 601 7.97 16.43 -3.49
CA GLN C 601 7.47 15.31 -4.26
C GLN C 601 6.01 15.01 -3.93
N PHE C 602 5.68 15.04 -2.64
CA PHE C 602 4.31 14.82 -2.18
C PHE C 602 3.75 16.13 -1.65
N TRP C 603 2.48 16.39 -1.97
CA TRP C 603 1.81 17.64 -1.60
C TRP C 603 2.55 18.85 -2.19
N TYR C 604 2.56 18.89 -3.51
CA TYR C 604 3.23 19.96 -4.23
C TYR C 604 2.68 21.32 -3.84
N SER C 605 3.58 22.25 -3.50
CA SER C 605 3.20 23.59 -3.08
C SER C 605 4.11 24.63 -3.70
N GLY C 606 4.45 24.44 -4.98
CA GLY C 606 5.31 25.37 -5.68
C GLY C 606 6.77 25.17 -5.37
N LEU C 607 7.59 26.00 -6.00
CA LEU C 607 9.05 25.96 -5.82
C LEU C 607 9.41 26.92 -4.70
N ASP C 608 9.73 26.37 -3.53
CA ASP C 608 10.08 27.17 -2.36
C ASP C 608 11.56 27.49 -2.28
N TYR C 609 12.42 26.51 -2.54
CA TYR C 609 13.87 26.69 -2.47
C TYR C 609 14.43 26.81 -3.89
N TRP C 610 15.29 27.80 -4.09
CA TRP C 610 15.86 28.08 -5.40
C TRP C 610 17.37 28.11 -5.30
N GLY C 611 18.03 27.78 -6.41
CA GLY C 611 19.48 27.83 -6.46
C GLY C 611 20.01 29.25 -6.59
N GLN C 612 21.33 29.37 -6.44
CA GLN C 612 21.97 30.67 -6.53
C GLN C 612 21.82 31.27 -7.93
N GLY C 613 21.97 30.45 -8.96
CA GLY C 613 21.87 30.92 -10.33
C GLY C 613 23.20 30.99 -11.05
N THR C 614 23.30 30.32 -12.19
CA THR C 614 24.53 30.27 -12.97
C THR C 614 24.30 30.93 -14.32
N LEU C 615 25.20 31.82 -14.71
CA LEU C 615 25.09 32.51 -15.99
C LEU C 615 25.69 31.65 -17.10
N VAL C 616 24.91 31.42 -18.15
CA VAL C 616 25.34 30.63 -19.30
C VAL C 616 25.20 31.52 -20.53
N THR C 617 26.30 31.67 -21.27
CA THR C 617 26.33 32.48 -22.48
C THR C 617 26.86 31.63 -23.63
N VAL C 618 26.15 31.64 -24.75
CA VAL C 618 26.54 30.87 -25.92
C VAL C 618 27.01 31.80 -27.03
N SER D 377 -2.88 21.23 -25.90
CA SER D 377 -2.71 22.65 -26.20
C SER D 377 -1.97 23.36 -25.07
N ASP D 378 -1.01 24.22 -25.46
CA ASP D 378 -0.25 24.96 -24.48
C ASP D 378 -1.10 26.05 -23.84
N ILE D 379 -0.70 26.45 -22.63
CA ILE D 379 -1.39 27.48 -21.86
C ILE D 379 -0.49 28.70 -21.77
N GLN D 380 -1.04 29.86 -22.11
CA GLN D 380 -0.31 31.13 -22.06
C GLN D 380 -0.95 32.03 -21.02
N MET D 381 -0.15 32.59 -20.13
CA MET D 381 -0.62 33.45 -19.06
C MET D 381 0.00 34.83 -19.23
N THR D 382 -0.83 35.87 -19.12
CA THR D 382 -0.39 37.25 -19.27
C THR D 382 -0.63 38.01 -17.98
N GLN D 383 0.28 38.94 -17.69
CA GLN D 383 0.18 39.81 -16.52
C GLN D 383 -0.12 41.22 -17.04
N SER D 384 -1.33 41.71 -16.73
CA SER D 384 -1.75 43.00 -17.25
C SER D 384 -0.84 44.15 -16.82
N PRO D 385 -0.48 44.30 -15.53
CA PRO D 385 0.44 45.40 -15.17
C PRO D 385 1.88 45.00 -15.46
N SER D 386 2.53 45.75 -16.35
CA SER D 386 3.92 45.50 -16.69
C SER D 386 4.87 46.22 -15.73
N SER D 387 4.60 47.49 -15.45
CA SER D 387 5.41 48.27 -14.52
C SER D 387 4.55 49.38 -13.93
N LEU D 388 4.83 49.71 -12.67
CA LEU D 388 4.10 50.76 -11.98
C LEU D 388 5.00 51.41 -10.95
N SER D 389 4.68 52.66 -10.61
CA SER D 389 5.43 53.43 -9.64
C SER D 389 4.53 53.76 -8.47
N ALA D 390 5.04 53.54 -7.24
CA ALA D 390 4.24 53.76 -6.05
C ALA D 390 5.15 54.19 -4.90
N SER D 391 4.55 54.86 -3.93
CA SER D 391 5.26 55.31 -2.75
C SER D 391 5.14 54.25 -1.65
N VAL D 392 5.47 54.63 -0.42
CA VAL D 392 5.39 53.71 0.71
C VAL D 392 4.02 53.83 1.36
N GLY D 393 3.32 52.70 1.48
CA GLY D 393 2.06 52.65 2.20
C GLY D 393 0.82 52.60 1.34
N ASP D 394 0.92 52.85 0.04
CA ASP D 394 -0.26 52.83 -0.81
C ASP D 394 -0.74 51.40 -1.04
N ARG D 395 -1.99 51.29 -1.47
CA ARG D 395 -2.60 50.01 -1.80
C ARG D 395 -2.36 49.71 -3.27
N VAL D 396 -1.56 48.67 -3.54
CA VAL D 396 -1.19 48.29 -4.91
C VAL D 396 -1.85 46.97 -5.24
N THR D 397 -2.47 46.90 -6.41
CA THR D 397 -3.14 45.69 -6.88
C THR D 397 -2.47 45.21 -8.17
N ILE D 398 -2.08 43.94 -8.18
CA ILE D 398 -1.48 43.32 -9.36
C ILE D 398 -2.38 42.17 -9.78
N THR D 399 -2.87 42.22 -11.01
CA THR D 399 -3.75 41.20 -11.55
C THR D 399 -2.98 40.28 -12.51
N CYS D 400 -3.57 39.12 -12.78
CA CYS D 400 -2.95 38.14 -13.66
C CYS D 400 -4.06 37.32 -14.32
N ARG D 401 -4.26 37.54 -15.62
CA ARG D 401 -5.28 36.83 -16.38
C ARG D 401 -4.70 35.53 -16.95
N ALA D 402 -5.48 34.46 -16.86
CA ALA D 402 -5.10 33.15 -17.37
C ALA D 402 -5.99 32.77 -18.54
N SER D 403 -5.39 32.13 -19.54
CA SER D 403 -6.16 31.73 -20.72
C SER D 403 -7.08 30.55 -20.40
N GLN D 404 -6.51 29.44 -19.93
CA GLN D 404 -7.29 28.27 -19.59
C GLN D 404 -7.81 28.40 -18.16
N SER D 405 -8.39 27.33 -17.64
CA SER D 405 -8.98 27.32 -16.30
C SER D 405 -8.06 26.55 -15.36
N VAL D 406 -7.64 27.21 -14.29
CA VAL D 406 -6.80 26.60 -13.25
C VAL D 406 -7.55 26.70 -11.93
N SER D 407 -7.73 25.55 -11.27
CA SER D 407 -8.48 25.51 -10.02
C SER D 407 -7.83 26.34 -8.93
N SER D 408 -6.62 25.95 -8.51
CA SER D 408 -5.90 26.69 -7.50
C SER D 408 -4.39 26.70 -7.69
N ALA D 409 -3.87 26.11 -8.77
CA ALA D 409 -2.43 25.98 -8.97
C ALA D 409 -1.85 27.31 -9.48
N VAL D 410 -1.77 28.26 -8.56
CA VAL D 410 -1.21 29.59 -8.84
C VAL D 410 -0.23 29.94 -7.73
N ALA D 411 0.98 30.34 -8.10
CA ALA D 411 2.01 30.74 -7.15
C ALA D 411 2.63 32.04 -7.60
N TRP D 412 3.03 32.86 -6.62
CA TRP D 412 3.65 34.16 -6.88
C TRP D 412 5.04 34.17 -6.26
N TYR D 413 6.01 34.67 -7.03
CA TYR D 413 7.40 34.68 -6.61
C TYR D 413 7.94 36.11 -6.61
N GLN D 414 8.78 36.41 -5.62
CA GLN D 414 9.46 37.69 -5.50
C GLN D 414 10.89 37.57 -6.00
N GLN D 415 11.40 38.63 -6.61
CA GLN D 415 12.75 38.61 -7.18
C GLN D 415 13.37 39.99 -7.07
N LYS D 416 14.39 40.11 -6.23
CA LYS D 416 15.21 41.31 -6.18
C LYS D 416 16.16 41.34 -7.39
N PRO D 417 16.62 42.52 -7.78
CA PRO D 417 17.59 42.60 -8.89
C PRO D 417 18.85 41.79 -8.58
N GLY D 418 19.14 40.81 -9.43
CA GLY D 418 20.29 39.96 -9.23
C GLY D 418 20.20 39.07 -8.00
N LYS D 419 19.02 38.52 -7.72
CA LYS D 419 18.81 37.66 -6.57
C LYS D 419 17.93 36.48 -6.95
N ALA D 420 18.07 35.38 -6.22
CA ALA D 420 17.28 34.21 -6.48
C ALA D 420 15.82 34.46 -6.13
N PRO D 421 14.87 33.91 -6.89
CA PRO D 421 13.45 34.09 -6.57
C PRO D 421 13.08 33.42 -5.26
N LYS D 422 12.10 34.01 -4.57
CA LYS D 422 11.60 33.50 -3.30
C LYS D 422 10.10 33.33 -3.39
N LEU D 423 9.61 32.17 -2.96
CA LEU D 423 8.18 31.90 -2.96
C LEU D 423 7.46 32.79 -1.96
N LEU D 424 6.32 33.33 -2.36
CA LEU D 424 5.52 34.20 -1.51
C LEU D 424 4.22 33.54 -1.07
N ILE D 425 3.39 33.09 -2.02
CA ILE D 425 2.12 32.45 -1.72
C ILE D 425 1.96 31.24 -2.62
N TYR D 426 1.46 30.15 -2.06
CA TYR D 426 1.17 28.93 -2.82
C TYR D 426 -0.33 28.64 -2.75
N SER D 427 -0.81 27.96 -3.79
CA SER D 427 -2.23 27.60 -3.97
C SER D 427 -3.13 28.82 -4.11
N ALA D 428 -2.56 30.01 -4.28
CA ALA D 428 -3.24 31.28 -4.52
C ALA D 428 -4.07 31.74 -3.34
N SER D 429 -4.14 30.99 -2.25
CA SER D 429 -4.91 31.40 -1.07
C SER D 429 -4.09 31.23 0.20
N SER D 430 -3.15 30.28 0.18
CA SER D 430 -2.35 30.00 1.36
C SER D 430 -1.16 30.97 1.44
N LEU D 431 -0.55 31.00 2.62
CA LEU D 431 0.57 31.88 2.90
C LEU D 431 1.78 31.04 3.29
N TYR D 432 2.93 31.32 2.67
CA TYR D 432 4.14 30.58 2.99
C TYR D 432 4.71 31.03 4.32
N SER D 433 5.44 30.12 4.97
CA SER D 433 6.03 30.41 6.26
C SER D 433 7.17 31.41 6.12
N GLY D 434 7.19 32.41 7.00
CA GLY D 434 8.21 33.43 7.00
C GLY D 434 7.89 34.65 6.15
N VAL D 435 6.92 34.55 5.25
CA VAL D 435 6.53 35.70 4.43
C VAL D 435 5.74 36.68 5.28
N PRO D 436 5.99 37.99 5.17
CA PRO D 436 5.23 38.95 5.97
C PRO D 436 3.74 38.87 5.68
N SER D 437 2.95 39.10 6.74
CA SER D 437 1.49 38.98 6.65
C SER D 437 0.86 40.05 5.78
N ARG D 438 1.60 41.09 5.39
CA ARG D 438 1.04 42.14 4.54
C ARG D 438 0.64 41.60 3.17
N PHE D 439 1.35 40.61 2.67
CA PHE D 439 1.01 40.01 1.39
C PHE D 439 -0.28 39.21 1.49
N SER D 440 -1.10 39.28 0.45
CA SER D 440 -2.36 38.56 0.42
C SER D 440 -2.76 38.29 -1.04
N GLY D 441 -3.26 37.09 -1.29
CA GLY D 441 -3.70 36.70 -2.62
C GLY D 441 -5.16 36.30 -2.61
N SER D 442 -5.86 36.62 -3.70
CA SER D 442 -7.28 36.31 -3.82
C SER D 442 -7.54 35.73 -5.21
N ARG D 443 -8.58 34.90 -5.30
CA ARG D 443 -9.00 34.29 -6.55
C ARG D 443 -10.48 34.52 -6.76
N SER D 444 -10.83 35.06 -7.93
CA SER D 444 -12.23 35.29 -8.30
C SER D 444 -12.39 34.89 -9.77
N GLY D 445 -12.74 33.62 -9.99
CA GLY D 445 -12.89 33.12 -11.34
C GLY D 445 -11.58 32.65 -11.95
N THR D 446 -11.04 33.43 -12.88
CA THR D 446 -9.79 33.07 -13.55
C THR D 446 -8.71 34.13 -13.46
N ASP D 447 -9.02 35.35 -13.04
CA ASP D 447 -8.02 36.42 -12.97
C ASP D 447 -7.45 36.50 -11.56
N PHE D 448 -6.52 35.60 -11.28
CA PHE D 448 -5.84 35.58 -9.99
C PHE D 448 -5.07 36.87 -9.79
N THR D 449 -5.12 37.41 -8.57
CA THR D 449 -4.49 38.70 -8.28
C THR D 449 -3.75 38.62 -6.95
N LEU D 450 -2.74 39.47 -6.81
CA LEU D 450 -1.95 39.59 -5.59
C LEU D 450 -2.05 41.02 -5.09
N THR D 451 -2.33 41.19 -3.80
CA THR D 451 -2.52 42.50 -3.20
C THR D 451 -1.57 42.68 -2.02
N ILE D 452 -1.02 43.88 -1.90
CA ILE D 452 -0.12 44.25 -0.81
C ILE D 452 -0.78 45.38 -0.03
N SER D 453 -0.94 45.18 1.28
CA SER D 453 -1.58 46.19 2.12
C SER D 453 -0.73 47.45 2.21
N SER D 454 0.50 47.31 2.71
CA SER D 454 1.43 48.42 2.83
C SER D 454 2.71 48.09 2.07
N LEU D 455 3.14 49.02 1.22
CA LEU D 455 4.33 48.82 0.41
C LEU D 455 5.54 49.29 1.20
N GLN D 456 6.28 48.33 1.77
CA GLN D 456 7.47 48.65 2.55
C GLN D 456 8.57 49.16 1.62
N PRO D 457 9.50 49.98 2.16
CA PRO D 457 10.55 50.54 1.29
C PRO D 457 11.42 49.49 0.61
N GLU D 458 11.68 48.36 1.25
CA GLU D 458 12.50 47.31 0.66
C GLU D 458 11.68 46.26 -0.07
N ASP D 459 10.37 46.44 -0.18
CA ASP D 459 9.50 45.47 -0.84
C ASP D 459 9.52 45.58 -2.36
N PHE D 460 10.25 46.53 -2.93
CA PHE D 460 10.29 46.67 -4.38
C PHE D 460 10.98 45.44 -4.98
N ALA D 461 10.39 44.92 -6.05
CA ALA D 461 10.88 43.72 -6.73
C ALA D 461 10.07 43.54 -8.01
N THR D 462 10.32 42.43 -8.69
CA THR D 462 9.55 42.02 -9.85
C THR D 462 8.82 40.74 -9.51
N TYR D 463 7.49 40.74 -9.67
CA TYR D 463 6.65 39.61 -9.30
C TYR D 463 6.33 38.77 -10.53
N TYR D 464 6.48 37.46 -10.41
CA TYR D 464 6.24 36.53 -11.50
C TYR D 464 5.12 35.57 -11.11
N CYS D 465 4.16 35.38 -12.01
CA CYS D 465 3.11 34.41 -11.81
C CYS D 465 3.58 33.02 -12.20
N GLN D 466 2.81 32.00 -11.83
CA GLN D 466 3.15 30.63 -12.13
C GLN D 466 1.90 29.77 -12.06
N GLN D 467 1.90 28.70 -12.86
CA GLN D 467 0.87 27.68 -12.80
C GLN D 467 1.53 26.31 -12.75
N TYR D 468 0.97 25.42 -11.95
CA TYR D 468 1.49 24.06 -11.83
C TYR D 468 0.35 23.05 -11.85
N LYS D 469 -0.67 23.31 -12.68
CA LYS D 469 -1.74 22.36 -12.89
C LYS D 469 -1.56 21.54 -14.16
N TYR D 470 -0.77 22.02 -15.11
CA TYR D 470 -0.49 21.32 -16.35
C TYR D 470 1.02 21.15 -16.55
N VAL D 471 1.37 20.52 -17.67
CA VAL D 471 2.76 20.21 -18.02
C VAL D 471 3.60 21.44 -18.32
N PRO D 472 3.11 22.44 -19.07
CA PRO D 472 4.00 23.55 -19.46
C PRO D 472 4.68 24.27 -18.31
N VAL D 473 4.01 24.39 -17.16
CA VAL D 473 4.50 25.18 -16.03
C VAL D 473 4.85 26.57 -16.55
N THR D 474 3.82 27.35 -16.87
CA THR D 474 3.98 28.65 -17.51
C THR D 474 4.13 29.75 -16.47
N PHE D 475 5.10 30.64 -16.67
CA PHE D 475 5.32 31.78 -15.80
C PHE D 475 4.73 33.05 -16.40
N GLY D 476 4.54 34.06 -15.54
CA GLY D 476 4.01 35.32 -15.98
C GLY D 476 5.06 36.19 -16.66
N GLN D 477 4.59 37.33 -17.19
CA GLN D 477 5.47 38.26 -17.87
C GLN D 477 6.25 39.15 -16.92
N GLY D 478 5.88 39.18 -15.64
CA GLY D 478 6.59 40.00 -14.68
C GLY D 478 5.96 41.36 -14.48
N THR D 479 6.14 41.90 -13.27
CA THR D 479 5.61 43.22 -12.91
C THR D 479 6.68 43.93 -12.09
N LYS D 480 7.43 44.81 -12.74
CA LYS D 480 8.50 45.54 -12.06
C LYS D 480 7.91 46.63 -11.18
N VAL D 481 8.33 46.67 -9.92
CA VAL D 481 7.89 47.66 -8.95
C VAL D 481 9.11 48.41 -8.44
N GLU D 482 9.06 49.73 -8.50
CA GLU D 482 10.15 50.58 -8.03
C GLU D 482 9.58 51.73 -7.21
N ILE D 483 10.42 52.25 -6.31
CA ILE D 483 10.01 53.35 -5.44
C ILE D 483 10.24 54.69 -6.14
N GLN E 3 -19.14 17.18 -25.20
CA GLN E 3 -18.97 18.61 -25.46
C GLN E 3 -20.32 19.30 -25.66
N VAL E 4 -20.59 20.33 -24.88
CA VAL E 4 -21.82 21.11 -24.95
C VAL E 4 -21.47 22.53 -25.35
N GLN E 5 -22.12 23.03 -26.38
CA GLN E 5 -21.87 24.39 -26.90
C GLN E 5 -22.86 25.34 -26.26
N LEU E 6 -22.38 26.13 -25.29
CA LEU E 6 -23.22 27.14 -24.63
C LEU E 6 -23.12 28.44 -25.42
N GLN E 7 -23.80 28.47 -26.56
CA GLN E 7 -23.80 29.63 -27.44
C GLN E 7 -24.90 30.59 -26.99
N GLU E 8 -24.51 31.65 -26.28
CA GLU E 8 -25.43 32.68 -25.84
C GLU E 8 -25.07 34.00 -26.52
N SER E 9 -26.09 34.74 -26.95
CA SER E 9 -25.89 36.00 -27.64
C SER E 9 -26.90 37.01 -27.14
N GLY E 10 -26.61 38.29 -27.39
CA GLY E 10 -27.48 39.37 -26.98
C GLY E 10 -26.95 40.17 -25.81
N GLY E 11 -27.17 41.48 -25.83
CA GLY E 11 -26.72 42.34 -24.76
C GLY E 11 -25.74 43.40 -25.22
N GLY E 12 -25.76 44.56 -24.55
CA GLY E 12 -24.87 45.65 -24.91
C GLY E 12 -25.16 46.92 -24.15
N LEU E 13 -25.15 48.05 -24.86
CA LEU E 13 -25.44 49.35 -24.25
C LEU E 13 -26.94 49.54 -24.12
N VAL E 14 -27.42 49.65 -22.89
CA VAL E 14 -28.85 49.74 -22.61
C VAL E 14 -29.10 51.00 -21.78
N GLN E 15 -30.12 51.77 -22.17
CA GLN E 15 -30.53 52.93 -21.40
C GLN E 15 -31.62 52.55 -20.40
N ALA E 16 -31.85 53.45 -19.45
CA ALA E 16 -32.88 53.21 -18.44
C ALA E 16 -34.25 53.16 -19.07
N GLY E 17 -35.02 52.12 -18.74
CA GLY E 17 -36.34 51.93 -19.29
C GLY E 17 -36.38 51.30 -20.67
N GLY E 18 -35.23 50.96 -21.24
CA GLY E 18 -35.16 50.36 -22.56
C GLY E 18 -35.36 48.85 -22.52
N SER E 19 -35.09 48.22 -23.65
CA SER E 19 -35.23 46.78 -23.81
C SER E 19 -33.96 46.21 -24.44
N LEU E 20 -33.63 44.98 -24.04
CA LEU E 20 -32.45 44.30 -24.55
C LEU E 20 -32.76 42.81 -24.60
N ARG E 21 -33.12 42.33 -25.79
CA ARG E 21 -33.44 40.92 -25.96
C ARG E 21 -32.20 40.05 -25.75
N LEU E 22 -32.40 38.91 -25.08
CA LEU E 22 -31.33 37.96 -24.79
C LEU E 22 -31.68 36.60 -25.38
N SER E 23 -30.67 35.92 -25.91
CA SER E 23 -30.86 34.61 -26.52
C SER E 23 -29.76 33.67 -26.06
N CYS E 24 -30.04 32.37 -26.14
CA CYS E 24 -29.07 31.36 -25.75
C CYS E 24 -29.39 30.07 -26.49
N VAL E 25 -28.39 29.53 -27.19
CA VAL E 25 -28.52 28.28 -27.94
C VAL E 25 -27.58 27.26 -27.33
N VAL E 26 -28.12 26.09 -27.00
CA VAL E 26 -27.35 25.01 -26.37
C VAL E 26 -27.34 23.82 -27.31
N SER E 27 -26.16 23.35 -27.66
CA SER E 27 -25.99 22.22 -28.59
C SER E 27 -25.47 21.01 -27.83
N GLY E 28 -25.99 19.83 -28.19
CA GLY E 28 -25.57 18.61 -27.55
C GLY E 28 -26.34 18.24 -26.30
N PHE E 29 -27.52 18.80 -26.09
CA PHE E 29 -28.32 18.51 -24.92
C PHE E 29 -29.80 18.55 -25.28
N PHE E 30 -30.61 17.89 -24.46
CA PHE E 30 -32.05 17.84 -24.67
C PHE E 30 -32.76 18.80 -23.73
N PHE E 31 -33.86 19.39 -24.22
CA PHE E 31 -34.66 20.33 -23.45
C PHE E 31 -36.03 19.77 -23.11
N ASP E 32 -36.21 18.45 -23.20
CA ASP E 32 -37.51 17.86 -22.90
C ASP E 32 -37.90 18.05 -21.44
N THR E 33 -37.01 17.68 -20.52
CA THR E 33 -37.25 17.87 -19.08
C THR E 33 -35.97 18.41 -18.46
N VAL E 34 -35.82 19.74 -18.51
CA VAL E 34 -34.73 20.45 -17.84
C VAL E 34 -35.27 21.77 -17.32
N THR E 35 -34.76 22.19 -16.17
CA THR E 35 -35.21 23.43 -15.52
C THR E 35 -34.10 24.47 -15.69
N MET E 36 -34.34 25.42 -16.59
CA MET E 36 -33.40 26.53 -16.77
C MET E 36 -33.45 27.46 -15.58
N ALA E 37 -32.33 28.15 -15.34
CA ALA E 37 -32.22 28.98 -14.15
C ALA E 37 -31.78 30.40 -14.47
N TRP E 38 -31.08 30.58 -15.60
CA TRP E 38 -30.68 31.90 -16.08
C TRP E 38 -29.90 32.67 -15.02
N TYR E 39 -28.76 32.11 -14.62
CA TYR E 39 -27.95 32.70 -13.58
C TYR E 39 -27.37 34.03 -14.02
N ARG E 40 -27.29 34.97 -13.07
CA ARG E 40 -26.74 36.30 -13.32
C ARG E 40 -25.72 36.61 -12.24
N ARG E 41 -24.57 37.15 -12.64
CA ARG E 41 -23.52 37.52 -11.72
C ARG E 41 -23.76 38.93 -11.19
N ALA E 42 -22.76 39.49 -10.54
CA ALA E 42 -22.77 40.84 -9.99
C ALA E 42 -21.47 41.53 -10.37
N PRO E 43 -21.40 42.86 -10.27
CA PRO E 43 -20.12 43.56 -10.49
C PRO E 43 -19.01 43.04 -9.59
N GLY E 44 -19.40 42.31 -8.54
CA GLY E 44 -18.44 41.64 -7.68
C GLY E 44 -18.32 40.15 -7.99
N LYS E 45 -19.00 39.33 -7.19
CA LYS E 45 -18.91 37.88 -7.33
C LYS E 45 -20.21 37.27 -6.78
N HIS E 46 -20.19 35.97 -6.49
CA HIS E 46 -21.29 35.25 -5.86
C HIS E 46 -22.56 35.31 -6.73
N ARG E 47 -22.44 34.63 -7.88
CA ARG E 47 -23.58 34.44 -8.80
C ARG E 47 -24.83 34.05 -8.05
N GLU E 48 -25.96 34.61 -8.48
CA GLU E 48 -27.26 34.41 -7.84
C GLU E 48 -28.26 33.85 -8.84
N LEU E 49 -29.49 33.66 -8.37
CA LEU E 49 -30.58 33.14 -9.17
C LEU E 49 -31.54 34.27 -9.55
N VAL E 50 -32.08 34.21 -10.76
CA VAL E 50 -32.96 35.26 -11.25
C VAL E 50 -34.33 34.70 -11.63
N ALA E 51 -34.37 33.81 -12.62
CA ALA E 51 -35.62 33.33 -13.18
C ALA E 51 -35.50 31.87 -13.54
N SER E 52 -36.34 31.03 -12.91
CA SER E 52 -36.37 29.60 -13.16
C SER E 52 -37.67 29.24 -13.87
N ALA E 53 -37.57 28.42 -14.92
CA ALA E 53 -38.74 28.00 -15.68
C ALA E 53 -38.53 26.58 -16.18
N THR E 54 -39.52 25.73 -15.94
CA THR E 54 -39.47 24.35 -16.41
C THR E 54 -40.14 24.24 -17.78
N ALA E 55 -40.36 23.02 -18.24
CA ALA E 55 -40.98 22.82 -19.56
C ALA E 55 -42.41 23.37 -19.57
N GLY E 56 -43.19 23.06 -18.54
CA GLY E 56 -44.55 23.54 -18.47
C GLY E 56 -44.78 24.50 -17.31
N GLY E 57 -44.93 25.79 -17.63
CA GLY E 57 -45.22 26.80 -16.63
C GLY E 57 -44.13 26.90 -15.58
N THR E 58 -44.55 27.25 -14.36
CA THR E 58 -43.67 27.36 -13.19
C THR E 58 -42.54 28.36 -13.49
N THR E 59 -42.96 29.63 -13.57
CA THR E 59 -42.03 30.74 -13.80
C THR E 59 -41.56 31.28 -12.45
N THR E 60 -40.78 30.46 -11.75
CA THR E 60 -40.25 30.85 -10.45
C THR E 60 -39.23 31.97 -10.60
N TYR E 61 -39.44 33.05 -9.84
CA TYR E 61 -38.63 34.26 -9.97
C TYR E 61 -38.00 34.60 -8.63
N ALA E 62 -36.80 35.19 -8.69
CA ALA E 62 -36.17 35.70 -7.49
C ALA E 62 -36.95 36.88 -6.94
N ASP E 63 -36.94 37.01 -5.61
CA ASP E 63 -37.77 38.04 -4.95
C ASP E 63 -37.38 39.44 -5.38
N SER E 64 -36.14 39.64 -5.84
CA SER E 64 -35.68 40.96 -6.25
C SER E 64 -36.01 41.29 -7.70
N VAL E 65 -36.55 40.34 -8.47
CA VAL E 65 -36.80 40.56 -9.89
C VAL E 65 -38.27 40.32 -10.24
N LYS E 66 -39.15 40.31 -9.24
CA LYS E 66 -40.58 40.15 -9.52
C LYS E 66 -41.14 41.37 -10.23
N ASP E 67 -42.07 41.12 -11.15
CA ASP E 67 -42.81 42.16 -11.87
C ASP E 67 -41.90 43.08 -12.69
N ARG E 68 -40.71 42.61 -13.04
CA ARG E 68 -39.80 43.37 -13.89
C ARG E 68 -39.17 42.57 -15.03
N PHE E 69 -39.12 41.25 -14.93
CA PHE E 69 -38.55 40.41 -15.97
C PHE E 69 -39.62 39.49 -16.54
N THR E 70 -39.40 39.04 -17.77
CA THR E 70 -40.25 38.06 -18.42
C THR E 70 -39.40 36.94 -18.99
N ILE E 71 -39.92 35.71 -18.93
CA ILE E 71 -39.20 34.53 -19.37
C ILE E 71 -40.05 33.77 -20.36
N SER E 72 -39.39 33.05 -21.26
CA SER E 72 -40.07 32.22 -22.25
C SER E 72 -39.16 31.04 -22.62
N ARG E 73 -39.77 30.00 -23.15
CA ARG E 73 -39.05 28.78 -23.51
C ARG E 73 -39.71 28.15 -24.73
N ASP E 74 -38.90 27.57 -25.61
CA ASP E 74 -39.39 26.89 -26.80
C ASP E 74 -38.51 25.66 -27.02
N ASN E 75 -39.07 24.47 -26.78
CA ASN E 75 -38.32 23.24 -26.97
C ASN E 75 -38.09 22.94 -28.44
N ALA E 76 -39.00 23.37 -29.32
CA ALA E 76 -38.88 23.06 -30.74
C ALA E 76 -37.63 23.69 -31.34
N LYS E 77 -37.36 24.95 -31.02
CA LYS E 77 -36.17 25.61 -31.53
C LYS E 77 -34.91 25.27 -30.74
N ASN E 78 -35.05 24.64 -29.57
CA ASN E 78 -33.94 24.26 -28.70
C ASN E 78 -33.14 25.52 -28.36
N THR E 79 -33.76 26.34 -27.50
CA THR E 79 -33.21 27.61 -27.05
C THR E 79 -34.08 28.11 -25.91
N VAL E 80 -33.58 29.13 -25.22
CA VAL E 80 -34.31 29.80 -24.15
C VAL E 80 -34.20 31.31 -24.37
N TYR E 81 -35.31 32.02 -24.20
CA TYR E 81 -35.39 33.44 -24.49
C TYR E 81 -35.70 34.21 -23.22
N LEU E 82 -35.02 35.33 -23.04
CA LEU E 82 -35.25 36.22 -21.89
C LEU E 82 -35.33 37.65 -22.38
N GLN E 83 -36.34 38.38 -21.90
CA GLN E 83 -36.51 39.80 -22.22
C GLN E 83 -36.65 40.58 -20.92
N MET E 84 -36.22 41.83 -20.95
CA MET E 84 -36.29 42.70 -19.77
C MET E 84 -36.88 44.05 -20.15
N ASN E 85 -37.66 44.61 -19.22
CA ASN E 85 -38.25 45.94 -19.36
C ASN E 85 -37.93 46.75 -18.12
N SER E 86 -37.58 48.02 -18.33
CA SER E 86 -37.27 48.95 -17.24
C SER E 86 -36.22 48.39 -16.29
N GLU E 90 -28.83 49.23 -11.09
CA GLU E 90 -28.18 48.28 -10.19
C GLU E 90 -28.17 46.88 -10.81
N ASP E 91 -28.97 46.68 -11.85
CA ASP E 91 -29.06 45.39 -12.52
C ASP E 91 -27.91 45.16 -13.50
N THR E 92 -27.06 46.16 -13.72
CA THR E 92 -25.94 46.02 -14.64
C THR E 92 -24.96 44.94 -14.16
N ALA E 93 -24.88 43.84 -14.92
CA ALA E 93 -24.00 42.73 -14.59
C ALA E 93 -23.92 41.82 -15.81
N VAL E 94 -23.10 40.77 -15.69
CA VAL E 94 -22.93 39.77 -16.74
C VAL E 94 -23.88 38.61 -16.47
N TYR E 95 -24.43 38.04 -17.53
CA TYR E 95 -25.45 37.00 -17.44
C TYR E 95 -24.88 35.66 -17.89
N TYR E 96 -25.31 34.59 -17.23
CA TYR E 96 -24.92 33.23 -17.56
C TYR E 96 -26.15 32.40 -17.85
N CYS E 97 -25.93 31.17 -18.30
CA CYS E 97 -27.03 30.28 -18.68
C CYS E 97 -26.67 28.85 -18.34
N ASN E 98 -27.46 28.24 -17.45
CA ASN E 98 -27.30 26.84 -17.09
C ASN E 98 -28.63 26.34 -16.52
N THR E 99 -28.69 25.04 -16.26
CA THR E 99 -29.87 24.45 -15.66
C THR E 99 -29.95 24.79 -14.18
N PHE E 100 -31.09 24.46 -13.57
CA PHE E 100 -31.29 24.72 -12.14
C PHE E 100 -30.32 23.93 -11.27
N VAL E 101 -29.77 22.82 -11.80
CA VAL E 101 -28.85 22.00 -11.03
C VAL E 101 -27.39 22.39 -11.27
N ARG E 102 -27.13 23.38 -12.13
CA ARG E 102 -25.78 23.80 -12.49
C ARG E 102 -24.95 22.62 -13.00
N SER E 103 -25.57 21.83 -13.89
CA SER E 103 -24.92 20.63 -14.40
C SER E 103 -24.04 20.90 -15.61
N LEU E 104 -24.50 21.73 -16.55
CA LEU E 104 -23.68 22.05 -17.71
C LEU E 104 -22.53 22.96 -17.33
N SER E 105 -21.47 22.92 -18.14
CA SER E 105 -20.31 23.75 -17.90
C SER E 105 -20.61 25.22 -18.14
N TRP E 106 -19.95 26.08 -17.37
CA TRP E 106 -20.16 27.51 -17.48
C TRP E 106 -19.47 28.08 -18.71
N GLY E 107 -19.87 29.30 -19.09
CA GLY E 107 -19.27 29.98 -20.21
C GLY E 107 -18.96 31.43 -19.86
N GLN E 108 -18.17 32.05 -20.73
CA GLN E 108 -17.79 33.45 -20.50
C GLN E 108 -19.01 34.36 -20.52
N GLY E 109 -19.90 34.15 -21.49
CA GLY E 109 -21.11 34.94 -21.56
C GLY E 109 -20.87 36.36 -22.06
N THR E 110 -21.95 37.14 -22.03
CA THR E 110 -21.92 38.54 -22.40
C THR E 110 -22.52 39.38 -21.27
N GLN E 111 -22.05 40.62 -21.17
CA GLN E 111 -22.43 41.52 -20.09
C GLN E 111 -23.22 42.70 -20.66
N VAL E 112 -24.26 43.10 -19.95
CA VAL E 112 -25.10 44.23 -20.35
C VAL E 112 -24.81 45.41 -19.43
N THR E 113 -25.03 46.61 -19.95
CA THR E 113 -24.80 47.85 -19.21
C THR E 113 -26.07 48.68 -19.26
N VAL E 114 -26.65 48.96 -18.10
CA VAL E 114 -27.85 49.78 -18.00
C VAL E 114 -27.44 51.21 -17.69
N SER E 115 -27.82 52.14 -18.56
CA SER E 115 -27.46 53.54 -18.40
C SER E 115 -28.71 54.41 -18.30
C1 PIO F . 11.07 -18.70 3.01
O1 PIO F . 10.58 -20.08 2.95
P1 PIO F . 10.23 -21.40 3.87
C2 PIO F . 12.21 -18.54 4.00
O2 PIO F . 11.75 -18.74 5.34
C3 PIO F . 12.85 -17.17 3.85
O3 PIO F . 13.50 -16.81 5.05
C4 PIO F . 11.84 -16.08 3.49
O4 PIO F . 11.89 -15.82 2.04
P4 PIO F . 12.75 -14.61 1.35
C5 PIO F . 10.41 -16.42 3.90
O5 PIO F . 10.37 -16.47 5.36
P5 PIO F . 10.74 -15.21 6.27
C6 PIO F . 9.92 -17.77 3.39
O6 PIO F . 9.04 -17.59 2.28
O11 PIO F . 9.43 -20.96 5.06
O12 PIO F . 9.56 -22.42 2.99
O13 PIO F . 11.62 -22.06 4.44
C1A PIO F . 15.36 -23.11 4.20
O1A PIO F . 16.16 -23.41 3.34
C1B PIO F . 11.45 -24.52 0.79
O1B PIO F . 11.86 -25.63 1.00
C1C PIO F . 11.87 -23.50 4.28
C2A PIO F . 15.60 -21.90 5.13
C2B PIO F . 10.49 -24.07 -0.31
C2C PIO F . 13.07 -23.97 3.48
O2C PIO F . 14.25 -23.91 4.35
C3A PIO F . 16.48 -21.98 6.38
C3B PIO F . 10.58 -22.57 -0.56
C3C PIO F . 13.14 -23.38 2.08
O3C PIO F . 11.80 -23.45 1.53
O41 PIO F . 12.17 -14.25 0.01
O42 PIO F . 14.17 -15.12 1.23
O43 PIO F . 12.66 -13.42 2.28
C4A PIO F . 17.97 -21.92 6.06
C4B PIO F . 9.28 -22.02 -1.15
O51 PIO F . 12.18 -15.35 6.70
O52 PIO F . 10.53 -14.01 5.38
O53 PIO F . 9.79 -15.21 7.45
C5A PIO F . 18.66 -23.27 6.25
#